data_6KK9
#
_entry.id   6KK9
#
_cell.length_a   102.537
_cell.length_b   138.641
_cell.length_c   62.514
_cell.angle_alpha   90.000
_cell.angle_beta   100.875
_cell.angle_gamma   90.000
#
_symmetry.space_group_name_H-M   'C 1 2 1'
#
loop_
_entity.id
_entity.type
_entity.pdbx_description
1 polymer 'Outer Surface Protein A'
2 water water
#
_entity_poly.entity_id   1
_entity_poly.type   'polypeptide(L)'
_entity_poly.pdbx_seq_one_letter_code
;GSHMKNSVSVDLPGSMKVLVSKSSNADGKYDLIATVDALELSGTSDKNNGSGVLEGVKADASKVKLTISDDLGQTTLEVF
KSDGSTLVSKKVTSKDKSSTYEKFNEKGELSEKYITRADKSSTYEKFNEKGELSEKYITRADKSSTYEKFNEKGELSEKY
ITRADKSSTYEKFNEKGEVSEKYITRADGTRLEYTGIK
;
_entity_poly.pdbx_strand_id   O,B,C,D
#
# COMPACT_ATOMS: atom_id res chain seq x y z
N ASN A 6 15.43 -31.55 40.26
CA ASN A 6 16.07 -31.21 38.99
C ASN A 6 16.23 -29.68 38.78
N SER A 7 15.46 -29.14 37.83
CA SER A 7 15.75 -27.84 37.25
C SER A 7 14.70 -26.82 37.67
N VAL A 8 15.02 -25.55 37.43
CA VAL A 8 14.20 -24.41 37.82
C VAL A 8 13.80 -23.63 36.57
N SER A 9 12.54 -23.25 36.50
CA SER A 9 11.99 -22.56 35.35
C SER A 9 12.20 -21.05 35.51
N VAL A 10 12.56 -20.38 34.41
CA VAL A 10 12.75 -18.95 34.33
C VAL A 10 11.92 -18.40 33.17
N ASP A 11 11.15 -17.34 33.41
CA ASP A 11 10.38 -16.68 32.36
C ASP A 11 11.30 -15.73 31.60
N LEU A 12 11.03 -15.56 30.30
CA LEU A 12 11.85 -14.73 29.43
C LEU A 12 11.01 -13.82 28.56
N PRO A 13 11.51 -12.63 28.28
CA PRO A 13 10.87 -11.73 27.33
C PRO A 13 10.66 -12.43 25.99
N GLY A 14 9.53 -12.11 25.35
CA GLY A 14 9.10 -12.84 24.17
C GLY A 14 8.29 -14.08 24.45
N SER A 15 7.70 -14.19 25.63
CA SER A 15 6.91 -15.36 26.04
C SER A 15 7.68 -16.65 25.83
N MET A 16 8.87 -16.73 26.42
CA MET A 16 9.55 -18.01 26.32
C MET A 16 9.93 -18.41 27.74
N LYS A 17 10.35 -19.65 27.91
CA LYS A 17 10.83 -20.14 29.20
C LYS A 17 12.12 -20.92 29.01
N VAL A 18 13.04 -20.81 29.98
CA VAL A 18 14.25 -21.62 29.99
C VAL A 18 14.33 -22.37 31.30
N LEU A 19 14.76 -23.63 31.23
CA LEU A 19 15.00 -24.49 32.39
C LEU A 19 16.49 -24.50 32.72
N VAL A 20 16.79 -24.18 33.98
CA VAL A 20 18.15 -23.98 34.46
C VAL A 20 18.44 -25.02 35.53
N SER A 21 19.54 -25.72 35.40
CA SER A 21 19.91 -26.67 36.45
C SER A 21 21.42 -26.72 36.57
N LYS A 22 21.92 -26.79 37.80
CA LYS A 22 23.37 -26.81 38.00
C LYS A 22 23.98 -28.02 37.31
N SER A 23 25.09 -27.80 36.63
CA SER A 23 25.73 -28.88 35.89
C SER A 23 26.48 -29.78 36.85
N SER A 24 26.29 -31.09 36.68
CA SER A 24 26.99 -32.09 37.50
C SER A 24 28.34 -32.41 36.89
N ASN A 25 28.34 -33.06 35.73
CA ASN A 25 29.56 -33.48 35.05
C ASN A 25 30.39 -32.31 34.53
N ALA A 26 29.91 -31.07 34.64
CA ALA A 26 30.71 -29.90 34.37
C ALA A 26 31.16 -29.27 35.68
N ASP A 27 31.47 -27.98 35.67
CA ASP A 27 32.03 -27.33 36.84
C ASP A 27 31.67 -25.85 36.81
N GLY A 28 30.97 -25.38 37.84
CA GLY A 28 30.54 -24.00 37.89
C GLY A 28 29.68 -23.58 36.72
N LYS A 29 29.11 -24.53 35.99
CA LYS A 29 28.24 -24.24 34.87
C LYS A 29 26.81 -24.58 35.23
N TYR A 30 25.90 -23.95 34.50
CA TYR A 30 24.48 -24.25 34.60
C TYR A 30 24.04 -24.71 33.23
N ASP A 31 23.33 -25.84 33.17
CA ASP A 31 22.74 -26.30 31.92
C ASP A 31 21.38 -25.66 31.69
N LEU A 32 21.16 -25.20 30.46
CA LEU A 32 19.95 -24.53 30.02
C LEU A 32 19.28 -25.35 28.95
N ILE A 33 17.98 -25.59 29.11
CA ILE A 33 17.17 -26.18 28.05
C ILE A 33 15.93 -25.31 27.85
N ALA A 34 15.57 -25.07 26.58
CA ALA A 34 14.34 -24.35 26.29
C ALA A 34 13.63 -25.00 25.12
N THR A 35 12.32 -24.95 25.14
CA THR A 35 11.55 -25.43 24.01
C THR A 35 10.86 -24.24 23.36
N VAL A 36 11.20 -23.96 22.11
CA VAL A 36 10.77 -22.75 21.42
C VAL A 36 10.20 -23.14 20.07
N ASP A 37 8.93 -22.78 19.84
CA ASP A 37 8.19 -23.22 18.65
C ASP A 37 8.39 -24.71 18.44
N ALA A 38 8.33 -25.45 19.54
CA ALA A 38 8.33 -26.90 19.58
C ALA A 38 9.66 -27.49 19.17
N LEU A 39 10.74 -26.70 19.22
CA LEU A 39 12.11 -27.17 18.98
C LEU A 39 12.93 -27.05 20.26
N GLU A 40 13.73 -28.06 20.56
CA GLU A 40 14.54 -28.06 21.77
C GLU A 40 15.87 -27.36 21.53
N LEU A 41 16.18 -26.40 22.38
CA LEU A 41 17.46 -25.70 22.33
C LEU A 41 18.20 -25.98 23.62
N SER A 42 19.52 -26.00 23.53
CA SER A 42 20.29 -26.26 24.74
C SER A 42 21.57 -25.44 24.75
N GLY A 43 22.04 -25.19 25.95
CA GLY A 43 23.33 -24.58 26.10
C GLY A 43 23.79 -24.70 27.53
N THR A 44 24.85 -23.94 27.83
CA THR A 44 25.41 -23.84 29.17
C THR A 44 25.75 -22.39 29.44
N SER A 45 25.72 -22.01 30.72
CA SER A 45 25.96 -20.65 31.16
C SER A 45 26.85 -20.69 32.39
N ASP A 46 27.55 -19.58 32.62
CA ASP A 46 28.25 -19.40 33.89
C ASP A 46 27.38 -18.76 34.96
N LYS A 47 26.19 -18.25 34.63
CA LYS A 47 25.34 -17.57 35.59
C LYS A 47 24.18 -18.48 35.96
N ASN A 48 23.50 -18.14 37.06
CA ASN A 48 22.44 -18.98 37.61
C ASN A 48 21.05 -18.36 37.43
N ASN A 49 20.86 -17.47 36.44
CA ASN A 49 19.58 -16.78 36.28
C ASN A 49 18.89 -17.11 34.98
N GLY A 50 19.42 -18.03 34.19
CA GLY A 50 18.82 -18.32 32.91
C GLY A 50 19.33 -17.50 31.74
N SER A 51 20.29 -16.61 31.95
CA SER A 51 20.90 -15.93 30.82
C SER A 51 21.92 -16.83 30.14
N GLY A 52 22.32 -16.46 28.94
CA GLY A 52 23.24 -17.32 28.21
C GLY A 52 22.74 -17.60 26.79
N VAL A 53 23.31 -18.60 26.15
CA VAL A 53 23.02 -18.87 24.74
C VAL A 53 22.56 -20.32 24.63
N LEU A 54 21.47 -20.53 23.92
CA LEU A 54 21.00 -21.87 23.60
C LEU A 54 20.99 -22.03 22.10
N GLU A 55 21.22 -23.26 21.63
CA GLU A 55 21.19 -23.49 20.20
C GLU A 55 20.40 -24.74 19.87
N GLY A 56 20.00 -24.81 18.62
CA GLY A 56 19.27 -25.94 18.12
C GLY A 56 19.48 -26.01 16.64
N VAL A 57 18.92 -27.07 16.06
CA VAL A 57 19.07 -27.37 14.65
C VAL A 57 17.76 -27.99 14.16
N LYS A 58 17.10 -27.31 13.22
CA LYS A 58 15.95 -27.91 12.56
C LYS A 58 16.38 -29.07 11.66
N ALA A 59 15.38 -29.86 11.28
CA ALA A 59 15.53 -31.02 10.41
C ALA A 59 15.97 -30.65 9.00
N ASP A 60 15.72 -29.42 8.55
CA ASP A 60 16.36 -28.95 7.31
C ASP A 60 17.82 -28.49 7.53
N ALA A 61 18.37 -28.72 8.72
CA ALA A 61 19.71 -28.31 9.16
C ALA A 61 19.83 -26.80 9.39
N SER A 62 18.71 -26.05 9.37
CA SER A 62 18.69 -24.66 9.85
C SER A 62 19.20 -24.60 11.28
N LYS A 63 19.95 -23.55 11.59
CA LYS A 63 20.46 -23.36 12.95
C LYS A 63 19.61 -22.31 13.69
N VAL A 64 19.35 -22.55 14.96
CA VAL A 64 18.52 -21.69 15.81
C VAL A 64 19.34 -21.27 17.02
N LYS A 65 19.44 -19.97 17.26
CA LYS A 65 20.26 -19.44 18.35
C LYS A 65 19.37 -18.55 19.20
N LEU A 66 19.30 -18.85 20.48
CA LEU A 66 18.59 -17.98 21.43
C LEU A 66 19.60 -17.36 22.35
N THR A 67 19.67 -16.04 22.37
CA THR A 67 20.57 -15.32 23.25
C THR A 67 19.74 -14.58 24.29
N ILE A 68 20.07 -14.82 25.56
CA ILE A 68 19.42 -14.15 26.66
C ILE A 68 20.46 -13.27 27.36
N SER A 69 20.24 -11.95 27.32
CA SER A 69 21.15 -10.99 27.96
C SER A 69 21.28 -11.26 29.46
N ASP A 70 22.38 -10.76 30.04
CA ASP A 70 22.82 -11.15 31.37
C ASP A 70 21.84 -10.76 32.46
N ASP A 71 21.14 -9.65 32.28
CA ASP A 71 20.14 -9.23 33.24
C ASP A 71 18.71 -9.63 32.85
N LEU A 72 18.55 -10.43 31.80
CA LEU A 72 17.27 -10.96 31.33
C LEU A 72 16.39 -9.90 30.71
N GLY A 73 16.90 -8.70 30.43
CA GLY A 73 16.02 -7.71 29.84
C GLY A 73 15.81 -7.84 28.34
N GLN A 74 16.50 -8.78 27.68
CA GLN A 74 16.43 -8.86 26.22
C GLN A 74 16.74 -10.27 25.75
N THR A 75 15.92 -10.78 24.82
CA THR A 75 16.15 -12.05 24.16
C THR A 75 16.22 -11.81 22.66
N THR A 76 17.07 -12.61 22.02
CA THR A 76 17.29 -12.58 20.58
C THR A 76 17.16 -14.01 20.07
N LEU A 77 16.31 -14.22 19.11
CA LEU A 77 16.06 -15.53 18.56
C LEU A 77 16.36 -15.46 17.08
N GLU A 78 17.46 -16.10 16.67
CA GLU A 78 17.90 -16.06 15.28
C GLU A 78 17.73 -17.43 14.64
N VAL A 79 17.23 -17.43 13.43
CA VAL A 79 17.17 -18.62 12.60
C VAL A 79 18.07 -18.33 11.42
N PHE A 80 19.09 -19.20 11.25
CA PHE A 80 20.08 -19.21 10.20
C PHE A 80 19.82 -20.37 9.23
N LYS A 81 20.31 -20.22 8.01
CA LYS A 81 20.33 -21.32 7.05
C LYS A 81 21.32 -22.39 7.49
N SER A 82 21.45 -23.44 6.66
CA SER A 82 22.29 -24.58 7.04
C SER A 82 23.75 -24.17 7.20
N ASP A 83 24.18 -23.10 6.51
CA ASP A 83 25.55 -22.61 6.66
C ASP A 83 25.82 -22.04 8.04
N GLY A 84 24.77 -21.88 8.86
CA GLY A 84 24.92 -21.37 10.21
C GLY A 84 25.25 -19.90 10.29
N SER A 85 25.13 -19.16 9.18
CA SER A 85 25.56 -17.75 9.11
C SER A 85 24.61 -16.86 8.31
N THR A 86 23.95 -17.37 7.29
CA THR A 86 22.96 -16.60 6.55
C THR A 86 21.67 -16.55 7.38
N LEU A 87 21.24 -15.35 7.75
CA LEU A 87 20.02 -15.22 8.54
C LEU A 87 18.77 -15.48 7.70
N VAL A 88 17.82 -16.17 8.31
CA VAL A 88 16.44 -16.32 7.84
C VAL A 88 15.48 -15.41 8.60
N SER A 89 15.62 -15.38 9.93
CA SER A 89 14.75 -14.54 10.75
C SER A 89 15.45 -14.17 12.05
N LYS A 90 15.01 -13.06 12.65
CA LYS A 90 15.56 -12.60 13.93
C LYS A 90 14.49 -11.89 14.74
N LYS A 91 14.28 -12.35 15.97
CA LYS A 91 13.24 -11.77 16.82
C LYS A 91 13.91 -11.30 18.10
N VAL A 92 13.85 -9.99 18.35
CA VAL A 92 14.39 -9.41 19.57
C VAL A 92 13.20 -8.93 20.39
N THR A 93 13.12 -9.35 21.65
CA THR A 93 12.07 -8.86 22.55
C THR A 93 12.72 -8.41 23.85
N SER A 94 12.29 -7.25 24.33
CA SER A 94 12.78 -6.69 25.59
C SER A 94 11.78 -6.95 26.72
N LYS A 95 12.21 -6.65 27.95
CA LYS A 95 11.31 -6.87 29.07
C LYS A 95 10.09 -5.95 29.01
N ASP A 96 10.25 -4.71 28.55
CA ASP A 96 9.14 -3.77 28.43
C ASP A 96 8.12 -4.13 27.33
N LYS A 97 8.24 -5.34 26.75
CA LYS A 97 7.37 -5.96 25.74
C LYS A 97 7.60 -5.40 24.34
N SER A 98 8.56 -4.49 24.14
CA SER A 98 8.87 -4.01 22.81
C SER A 98 9.70 -5.07 22.05
N SER A 99 9.56 -5.07 20.72
CA SER A 99 10.21 -6.11 19.95
C SER A 99 10.46 -5.66 18.52
N THR A 100 11.45 -6.32 17.90
CA THR A 100 11.81 -6.13 16.51
C THR A 100 11.88 -7.52 15.88
N TYR A 101 11.10 -7.73 14.82
CA TYR A 101 11.14 -8.98 14.09
C TYR A 101 11.59 -8.69 12.67
N GLU A 102 12.60 -9.41 12.21
CA GLU A 102 13.14 -9.24 10.88
C GLU A 102 13.07 -10.56 10.13
N LYS A 103 12.71 -10.45 8.86
CA LYS A 103 12.68 -11.56 7.93
C LYS A 103 13.65 -11.21 6.81
N PHE A 104 14.40 -12.22 6.36
CA PHE A 104 15.44 -12.03 5.36
C PHE A 104 15.16 -12.90 4.14
N ASN A 105 15.65 -12.48 2.97
CA ASN A 105 15.49 -13.30 1.77
C ASN A 105 16.54 -14.42 1.77
N GLU A 106 16.61 -15.17 0.67
CA GLU A 106 17.42 -16.38 0.61
C GLU A 106 18.92 -16.12 0.70
N LYS A 107 19.36 -14.88 0.45
CA LYS A 107 20.76 -14.52 0.57
C LYS A 107 21.06 -13.72 1.85
N GLY A 108 20.09 -13.59 2.76
CA GLY A 108 20.34 -12.88 4.00
C GLY A 108 20.13 -11.38 3.96
N GLU A 109 19.61 -10.84 2.85
CA GLU A 109 19.22 -9.44 2.77
C GLU A 109 17.92 -9.21 3.51
N LEU A 110 17.86 -8.15 4.32
CA LEU A 110 16.64 -7.83 5.06
C LEU A 110 15.47 -7.59 4.12
N SER A 111 14.39 -8.30 4.36
CA SER A 111 13.20 -8.23 3.51
C SER A 111 12.02 -7.55 4.18
N GLU A 112 11.76 -7.83 5.46
CA GLU A 112 10.71 -7.17 6.23
C GLU A 112 11.18 -6.95 7.65
N LYS A 113 10.76 -5.82 8.23
CA LYS A 113 11.02 -5.46 9.62
C LYS A 113 9.71 -5.00 10.28
N TYR A 114 9.39 -5.59 11.43
CA TYR A 114 8.18 -5.25 12.16
C TYR A 114 8.59 -4.91 13.59
N ILE A 115 8.42 -3.64 13.94
CA ILE A 115 8.79 -3.09 15.24
C ILE A 115 7.52 -2.84 16.04
N THR A 116 7.57 -3.18 17.32
CA THR A 116 6.49 -2.97 18.26
C THR A 116 7.08 -2.26 19.46
N ARG A 117 6.45 -1.17 19.88
CA ARG A 117 6.94 -0.38 21.01
C ARG A 117 6.10 -0.65 22.25
N ALA A 118 6.61 -0.18 23.40
CA ALA A 118 5.93 -0.47 24.67
C ALA A 118 4.50 0.08 24.67
N ASP A 119 4.29 1.29 24.12
CA ASP A 119 2.96 1.89 24.00
C ASP A 119 2.09 1.20 22.96
N LYS A 120 2.61 0.16 22.30
CA LYS A 120 1.97 -0.63 21.25
C LYS A 120 1.76 0.13 19.95
N SER A 121 2.47 1.24 19.76
CA SER A 121 2.70 1.70 18.40
C SER A 121 3.52 0.64 17.66
N SER A 122 3.43 0.66 16.33
CA SER A 122 4.14 -0.32 15.51
C SER A 122 4.63 0.35 14.23
N THR A 123 5.73 -0.17 13.71
CA THR A 123 6.34 0.30 12.48
C THR A 123 6.64 -0.92 11.65
N TYR A 124 6.16 -0.93 10.42
CA TYR A 124 6.29 -2.08 9.53
C TYR A 124 6.98 -1.58 8.27
N GLU A 125 8.18 -2.08 8.01
CA GLU A 125 8.94 -1.70 6.85
C GLU A 125 9.10 -2.89 5.93
N LYS A 126 8.96 -2.65 4.63
CA LYS A 126 9.15 -3.64 3.59
C LYS A 126 10.23 -3.16 2.63
N PHE A 127 11.13 -4.08 2.25
CA PHE A 127 12.29 -3.77 1.42
C PHE A 127 12.23 -4.53 0.09
N ASN A 128 12.84 -3.95 -0.95
CA ASN A 128 12.96 -4.69 -2.20
C ASN A 128 14.14 -5.68 -2.12
N GLU A 129 14.33 -6.45 -3.20
CA GLU A 129 15.40 -7.44 -3.25
C GLU A 129 16.78 -6.78 -3.20
N LYS A 130 16.89 -5.58 -3.77
CA LYS A 130 18.07 -4.74 -3.57
C LYS A 130 18.32 -4.48 -2.08
N GLY A 131 17.30 -4.65 -1.24
CA GLY A 131 17.43 -4.43 0.18
C GLY A 131 17.09 -3.03 0.64
N GLU A 132 16.59 -2.17 -0.26
CA GLU A 132 16.23 -0.80 0.07
C GLU A 132 14.76 -0.69 0.44
N LEU A 133 14.47 0.26 1.33
CA LEU A 133 13.13 0.59 1.78
C LEU A 133 12.18 0.81 0.61
N SER A 134 11.13 0.01 0.57
CA SER A 134 10.08 0.13 -0.43
C SER A 134 8.79 0.68 0.16
N GLU A 135 8.48 0.31 1.42
CA GLU A 135 7.26 0.76 2.09
C GLU A 135 7.50 0.88 3.57
N LYS A 136 6.79 1.83 4.20
CA LYS A 136 6.85 2.06 5.64
C LYS A 136 5.45 2.40 6.14
N TYR A 137 4.97 1.67 7.14
CA TYR A 137 3.65 1.91 7.71
C TYR A 137 3.77 2.01 9.23
N ILE A 138 3.39 3.17 9.78
CA ILE A 138 3.46 3.44 11.22
C ILE A 138 2.05 3.55 11.76
N THR A 139 1.72 2.74 12.75
CA THR A 139 0.54 2.98 13.54
C THR A 139 0.98 3.46 14.92
N ARG A 140 0.26 4.41 15.49
CA ARG A 140 0.60 4.98 16.78
C ARG A 140 -0.49 4.67 17.80
N ALA A 141 -0.17 4.91 19.06
CA ALA A 141 -1.13 4.66 20.14
C ALA A 141 -2.36 5.55 20.01
N ASP A 142 -2.18 6.83 19.67
CA ASP A 142 -3.32 7.73 19.47
C ASP A 142 -4.22 7.32 18.30
N LYS A 143 -3.85 6.28 17.54
CA LYS A 143 -4.58 5.73 16.39
C LYS A 143 -4.26 6.48 15.08
N SER A 144 -3.28 7.38 15.09
CA SER A 144 -2.81 7.92 13.83
C SER A 144 -2.02 6.84 13.07
N SER A 145 -1.84 7.05 11.76
CA SER A 145 -1.08 6.12 10.95
C SER A 145 -0.42 6.87 9.79
N THR A 146 0.76 6.40 9.39
CA THR A 146 1.55 6.98 8.31
C THR A 146 1.90 5.90 7.31
N TYR A 147 1.67 6.17 6.03
CA TYR A 147 2.05 5.24 4.97
C TYR A 147 2.98 5.95 4.00
N GLU A 148 4.09 5.30 3.69
CA GLU A 148 5.08 5.82 2.76
C GLU A 148 5.43 4.73 1.77
N LYS A 149 5.33 5.07 0.49
CA LYS A 149 5.78 4.24 -0.62
C LYS A 149 6.94 4.95 -1.28
N PHE A 150 7.97 4.18 -1.59
CA PHE A 150 9.19 4.69 -2.19
C PHE A 150 9.38 4.02 -3.55
N ASN A 151 9.83 4.81 -4.53
CA ASN A 151 9.95 4.30 -5.88
C ASN A 151 11.28 3.58 -6.06
N GLU A 152 11.53 3.13 -7.29
CA GLU A 152 12.77 2.43 -7.62
C GLU A 152 13.99 3.31 -7.39
N LYS A 153 13.83 4.63 -7.49
CA LYS A 153 14.94 5.57 -7.34
C LYS A 153 15.16 5.99 -5.89
N GLY A 154 14.65 5.22 -4.93
CA GLY A 154 14.80 5.57 -3.54
C GLY A 154 14.11 6.88 -3.19
N GLU A 155 13.26 7.38 -4.07
CA GLU A 155 12.51 8.61 -3.79
C GLU A 155 11.15 8.27 -3.20
N LEU A 156 10.66 9.15 -2.34
CA LEU A 156 9.28 9.03 -1.91
C LEU A 156 8.38 9.24 -3.12
N SER A 157 7.36 8.39 -3.25
CA SER A 157 6.34 8.61 -4.26
C SER A 157 4.94 8.65 -3.68
N GLU A 158 4.73 8.17 -2.47
CA GLU A 158 3.37 8.22 -1.93
C GLU A 158 3.44 8.40 -0.42
N LYS A 159 2.55 9.23 0.13
CA LYS A 159 2.47 9.44 1.57
C LYS A 159 1.02 9.62 1.98
N TYR A 160 0.65 9.04 3.11
CA TYR A 160 -0.74 9.05 3.57
C TYR A 160 -0.75 9.10 5.09
N ILE A 161 -1.05 10.26 5.66
CA ILE A 161 -1.13 10.42 7.11
C ILE A 161 -2.61 10.47 7.53
N THR A 162 -2.90 9.82 8.65
CA THR A 162 -4.25 9.75 9.22
C THR A 162 -4.13 10.11 10.68
N ARG A 163 -4.97 11.04 11.13
CA ARG A 163 -4.87 11.61 12.47
C ARG A 163 -5.97 11.06 13.37
N ALA A 164 -5.87 11.41 14.65
CA ALA A 164 -6.79 10.88 15.65
C ALA A 164 -8.22 11.39 15.47
N ASP A 165 -8.37 12.64 15.01
CA ASP A 165 -9.68 13.23 14.74
C ASP A 165 -10.34 12.69 13.46
N LYS A 166 -9.89 11.53 12.96
CA LYS A 166 -10.38 10.89 11.72
C LYS A 166 -10.10 11.72 10.46
N SER A 167 -9.15 12.67 10.53
CA SER A 167 -8.73 13.48 9.40
C SER A 167 -7.66 12.75 8.57
N SER A 168 -7.30 13.35 7.43
CA SER A 168 -6.41 12.66 6.50
C SER A 168 -5.60 13.67 5.69
N THR A 169 -4.45 13.20 5.20
CA THR A 169 -3.64 13.96 4.25
C THR A 169 -2.94 12.97 3.33
N TYR A 170 -3.38 12.93 2.07
CA TYR A 170 -2.78 12.08 1.04
C TYR A 170 -1.97 12.93 0.08
N GLU A 171 -0.79 12.43 -0.30
CA GLU A 171 0.09 13.16 -1.21
C GLU A 171 0.80 12.19 -2.12
N LYS A 172 0.82 12.53 -3.41
CA LYS A 172 1.57 11.82 -4.42
C LYS A 172 2.75 12.69 -4.85
N PHE A 173 3.87 12.05 -5.12
CA PHE A 173 5.08 12.73 -5.53
C PHE A 173 5.47 12.22 -6.91
N ASN A 174 5.92 13.13 -7.78
CA ASN A 174 6.28 12.74 -9.13
C ASN A 174 7.79 12.73 -9.28
N GLU A 175 8.24 12.55 -10.52
CA GLU A 175 9.65 12.48 -10.89
C GLU A 175 10.51 13.54 -10.22
N LYS A 176 9.90 14.67 -9.83
CA LYS A 176 10.54 15.68 -9.00
C LYS A 176 9.97 15.61 -7.59
N GLY A 177 10.83 15.80 -6.59
CA GLY A 177 10.48 15.58 -5.21
C GLY A 177 9.37 16.44 -4.62
N GLU A 178 8.74 17.28 -5.43
CA GLU A 178 7.66 18.14 -4.95
C GLU A 178 6.31 17.45 -5.09
N VAL A 179 5.37 17.86 -4.23
CA VAL A 179 4.04 17.25 -4.22
C VAL A 179 3.31 17.57 -5.52
N SER A 180 2.62 16.57 -6.07
CA SER A 180 1.79 16.73 -7.25
C SER A 180 0.30 16.70 -6.94
N GLU A 181 -0.11 15.91 -5.95
CA GLU A 181 -1.46 15.93 -5.39
C GLU A 181 -1.38 16.31 -3.91
N LYS A 182 -2.53 16.62 -3.32
CA LYS A 182 -2.62 16.83 -1.88
C LYS A 182 -4.07 16.86 -1.38
N TYR A 183 -4.65 15.68 -1.15
CA TYR A 183 -5.91 15.60 -0.43
C TYR A 183 -5.69 16.01 1.02
N ILE A 184 -6.52 16.92 1.52
CA ILE A 184 -6.49 17.37 2.91
C ILE A 184 -7.91 17.28 3.43
N THR A 185 -8.21 16.23 4.19
CA THR A 185 -9.51 16.09 4.84
C THR A 185 -9.36 16.48 6.31
N ARG A 186 -10.27 17.34 6.79
CA ARG A 186 -10.23 17.86 8.15
C ARG A 186 -11.49 17.50 8.94
N ALA A 187 -12.05 18.47 9.65
CA ALA A 187 -13.22 18.24 10.50
C ALA A 187 -14.38 17.68 9.68
N ASP A 188 -14.94 16.56 10.14
CA ASP A 188 -16.05 15.86 9.50
C ASP A 188 -15.58 15.41 8.12
N GLY A 189 -16.32 15.67 7.05
CA GLY A 189 -15.89 15.31 5.72
C GLY A 189 -15.52 16.51 4.87
N THR A 190 -15.01 17.58 5.50
CA THR A 190 -14.67 18.80 4.78
C THR A 190 -13.35 18.59 4.05
N ARG A 191 -13.46 18.16 2.79
CA ARG A 191 -12.33 17.78 1.94
C ARG A 191 -11.54 19.01 1.50
N LEU A 192 -10.65 18.80 0.52
CA LEU A 192 -9.94 19.89 -0.14
C LEU A 192 -9.36 19.36 -1.45
N ASN B 6 -20.61 -25.68 22.04
CA ASN B 6 -21.13 -25.66 20.68
C ASN B 6 -21.06 -24.26 20.08
N SER B 7 -21.91 -24.01 19.08
CA SER B 7 -21.86 -22.84 18.23
C SER B 7 -22.80 -21.73 18.73
N VAL B 8 -22.43 -20.49 18.43
CA VAL B 8 -23.17 -19.31 18.88
C VAL B 8 -23.54 -18.50 17.64
N SER B 9 -24.81 -18.13 17.56
CA SER B 9 -25.31 -17.40 16.39
C SER B 9 -25.07 -15.90 16.56
N VAL B 10 -24.84 -15.23 15.42
CA VAL B 10 -24.60 -13.81 15.35
C VAL B 10 -25.43 -13.26 14.19
N ASP B 11 -26.22 -12.22 14.45
CA ASP B 11 -26.98 -11.51 13.43
C ASP B 11 -26.09 -10.54 12.65
N LEU B 12 -26.32 -10.48 11.34
CA LEU B 12 -25.48 -9.73 10.43
C LEU B 12 -26.32 -8.78 9.60
N PRO B 13 -25.77 -7.61 9.29
CA PRO B 13 -26.41 -6.69 8.33
C PRO B 13 -26.68 -7.38 7.00
N GLY B 14 -27.78 -7.00 6.37
CA GLY B 14 -28.27 -7.69 5.20
C GLY B 14 -29.11 -8.91 5.50
N SER B 15 -29.68 -9.01 6.71
CA SER B 15 -30.51 -10.13 7.11
C SER B 15 -29.79 -11.47 6.96
N MET B 16 -28.56 -11.55 7.47
CA MET B 16 -27.87 -12.84 7.42
C MET B 16 -27.52 -13.26 8.84
N LYS B 17 -27.08 -14.52 8.98
CA LYS B 17 -26.62 -15.01 10.27
C LYS B 17 -25.35 -15.82 10.05
N VAL B 18 -24.43 -15.73 11.02
CA VAL B 18 -23.25 -16.57 11.01
C VAL B 18 -23.18 -17.34 12.32
N LEU B 19 -22.78 -18.62 12.22
CA LEU B 19 -22.52 -19.46 13.39
C LEU B 19 -21.03 -19.45 13.69
N VAL B 20 -20.70 -19.12 14.93
CA VAL B 20 -19.33 -18.93 15.38
C VAL B 20 -19.05 -19.97 16.45
N SER B 21 -18.01 -20.77 16.25
CA SER B 21 -17.56 -21.66 17.33
C SER B 21 -16.05 -21.68 17.38
N LYS B 22 -15.53 -21.92 18.58
CA LYS B 22 -14.08 -22.01 18.76
C LYS B 22 -13.50 -23.13 17.89
N SER B 23 -12.39 -22.82 17.23
CA SER B 23 -11.76 -23.78 16.34
C SER B 23 -11.26 -24.98 17.14
N SER B 24 -11.53 -26.18 16.62
CA SER B 24 -10.95 -27.40 17.16
C SER B 24 -9.46 -27.48 16.83
N ASN B 25 -9.14 -27.26 15.55
CA ASN B 25 -7.78 -27.26 15.04
C ASN B 25 -6.94 -26.20 15.75
N ALA B 26 -7.18 -24.94 15.40
CA ALA B 26 -6.22 -23.87 15.64
C ALA B 26 -6.09 -23.55 17.12
N ASP B 27 -5.47 -22.40 17.40
CA ASP B 27 -5.32 -21.95 18.76
C ASP B 27 -6.32 -20.83 19.05
N GLY B 28 -6.06 -19.65 18.52
CA GLY B 28 -6.90 -18.51 18.83
C GLY B 28 -7.95 -18.21 17.79
N LYS B 29 -8.27 -19.21 16.97
CA LYS B 29 -9.16 -19.01 15.84
C LYS B 29 -10.59 -19.43 16.18
N TYR B 30 -11.52 -18.83 15.48
CA TYR B 30 -12.91 -19.22 15.50
C TYR B 30 -13.29 -19.61 14.09
N ASP B 31 -14.20 -20.54 13.98
CA ASP B 31 -14.73 -20.91 12.69
C ASP B 31 -16.15 -20.42 12.52
N LEU B 32 -16.44 -20.06 11.29
CA LEU B 32 -17.67 -19.41 10.87
C LEU B 32 -18.34 -20.26 9.81
N ILE B 33 -19.62 -20.46 9.98
CA ILE B 33 -20.43 -21.04 8.93
C ILE B 33 -21.68 -20.19 8.74
N ALA B 34 -22.06 -19.97 7.49
CA ALA B 34 -23.28 -19.22 7.18
C ALA B 34 -23.95 -19.89 6.00
N THR B 35 -25.27 -19.86 5.99
CA THR B 35 -26.00 -20.34 4.82
C THR B 35 -26.65 -19.12 4.20
N VAL B 36 -26.29 -18.81 2.97
CA VAL B 36 -26.78 -17.64 2.24
C VAL B 36 -27.33 -18.12 0.91
N ASP B 37 -28.60 -17.86 0.64
CA ASP B 37 -29.25 -18.31 -0.60
C ASP B 37 -29.07 -19.81 -0.81
N ALA B 38 -29.23 -20.56 0.29
CA ALA B 38 -29.12 -22.02 0.36
C ALA B 38 -27.71 -22.51 0.11
N LEU B 39 -26.72 -21.64 -0.08
CA LEU B 39 -25.34 -22.05 -0.23
C LEU B 39 -24.59 -21.90 1.09
N GLU B 40 -23.87 -22.94 1.48
CA GLU B 40 -23.13 -22.92 2.72
C GLU B 40 -21.76 -22.28 2.50
N LEU B 41 -21.43 -21.30 3.33
CA LEU B 41 -20.14 -20.62 3.29
C LEU B 41 -19.43 -20.88 4.60
N SER B 42 -18.12 -20.99 4.52
CA SER B 42 -17.35 -21.23 5.73
C SER B 42 -16.09 -20.39 5.72
N GLY B 43 -15.57 -20.19 6.91
CA GLY B 43 -14.28 -19.54 7.03
C GLY B 43 -13.78 -19.58 8.45
N THR B 44 -12.69 -18.86 8.68
CA THR B 44 -12.06 -18.79 9.98
C THR B 44 -11.70 -17.34 10.27
N SER B 45 -11.63 -17.00 11.56
CA SER B 45 -11.40 -15.62 11.97
C SER B 45 -10.57 -15.63 13.23
N ASP B 46 -9.83 -14.54 13.43
CA ASP B 46 -9.16 -14.28 14.70
C ASP B 46 -10.09 -13.72 15.74
N LYS B 47 -11.24 -13.16 15.35
CA LYS B 47 -12.14 -12.50 16.26
C LYS B 47 -13.27 -13.43 16.68
N ASN B 48 -13.88 -13.11 17.83
CA ASN B 48 -14.93 -13.93 18.44
C ASN B 48 -16.30 -13.29 18.33
N ASN B 49 -16.52 -12.44 17.32
CA ASN B 49 -17.78 -11.70 17.19
C ASN B 49 -18.55 -11.99 15.89
N GLY B 50 -18.05 -12.88 15.05
CA GLY B 50 -18.72 -13.16 13.80
C GLY B 50 -18.13 -12.45 12.59
N SER B 51 -17.14 -11.57 12.80
CA SER B 51 -16.48 -10.93 11.66
C SER B 51 -15.44 -11.86 11.05
N GLY B 52 -15.09 -11.54 9.80
CA GLY B 52 -14.13 -12.33 9.04
C GLY B 52 -14.65 -12.61 7.65
N VAL B 53 -14.08 -13.60 6.98
CA VAL B 53 -14.38 -13.86 5.59
C VAL B 53 -14.84 -15.31 5.47
N LEU B 54 -15.95 -15.53 4.77
CA LEU B 54 -16.48 -16.86 4.48
C LEU B 54 -16.57 -17.03 2.97
N GLU B 55 -16.37 -18.25 2.49
CA GLU B 55 -16.44 -18.50 1.05
C GLU B 55 -17.17 -19.80 0.78
N GLY B 56 -17.79 -19.86 -0.39
CA GLY B 56 -18.45 -21.06 -0.88
C GLY B 56 -18.18 -21.23 -2.34
N VAL B 57 -18.31 -22.46 -2.81
CA VAL B 57 -18.07 -22.80 -4.20
C VAL B 57 -19.25 -23.64 -4.66
N LYS B 58 -19.93 -23.20 -5.71
CA LYS B 58 -21.01 -23.98 -6.29
C LYS B 58 -20.46 -25.05 -7.21
N ALA B 59 -21.32 -26.01 -7.53
CA ALA B 59 -20.94 -27.10 -8.44
C ALA B 59 -20.61 -26.60 -9.84
N ASP B 60 -21.07 -25.41 -10.23
CA ASP B 60 -20.61 -24.87 -11.52
C ASP B 60 -19.23 -24.20 -11.42
N ALA B 61 -18.53 -24.37 -10.29
CA ALA B 61 -17.25 -23.74 -9.98
C ALA B 61 -17.34 -22.23 -9.73
N SER B 62 -18.50 -21.61 -9.85
CA SER B 62 -18.58 -20.20 -9.46
C SER B 62 -18.40 -20.06 -7.96
N LYS B 63 -18.00 -18.86 -7.53
CA LYS B 63 -17.59 -18.65 -6.16
C LYS B 63 -18.46 -17.57 -5.51
N VAL B 64 -18.68 -17.70 -4.21
CA VAL B 64 -19.33 -16.67 -3.40
C VAL B 64 -18.43 -16.33 -2.22
N LYS B 65 -18.36 -15.05 -1.87
CA LYS B 65 -17.52 -14.60 -0.76
C LYS B 65 -18.30 -13.59 0.09
N LEU B 66 -18.34 -13.83 1.40
CA LEU B 66 -19.01 -12.94 2.36
C LEU B 66 -17.98 -12.38 3.32
N THR B 67 -17.83 -11.08 3.34
CA THR B 67 -16.88 -10.42 4.21
C THR B 67 -17.67 -9.62 5.25
N ILE B 68 -17.39 -9.89 6.51
CA ILE B 68 -18.03 -9.19 7.63
C ILE B 68 -16.96 -8.36 8.30
N SER B 69 -17.13 -7.04 8.28
CA SER B 69 -16.16 -6.09 8.84
C SER B 69 -15.95 -6.36 10.33
N ASP B 70 -14.85 -5.82 10.87
CA ASP B 70 -14.42 -6.20 12.22
C ASP B 70 -15.42 -5.76 13.29
N ASP B 71 -16.04 -4.61 13.13
CA ASP B 71 -17.00 -4.13 14.11
C ASP B 71 -18.43 -4.53 13.77
N LEU B 72 -18.62 -5.34 12.72
CA LEU B 72 -19.90 -5.83 12.25
C LEU B 72 -20.79 -4.72 11.68
N GLY B 73 -20.21 -3.55 11.40
CA GLY B 73 -21.05 -2.52 10.83
C GLY B 73 -21.49 -2.77 9.38
N GLN B 74 -20.91 -3.78 8.72
CA GLN B 74 -21.07 -3.91 7.27
C GLN B 74 -20.79 -5.33 6.78
N THR B 75 -21.62 -5.80 5.87
CA THR B 75 -21.36 -7.06 5.17
C THR B 75 -21.19 -6.80 3.69
N THR B 76 -20.34 -7.61 3.06
CA THR B 76 -20.10 -7.55 1.63
C THR B 76 -20.25 -8.96 1.09
N LEU B 77 -21.21 -9.14 0.19
CA LEU B 77 -21.52 -10.43 -0.39
C LEU B 77 -21.19 -10.36 -1.90
N GLU B 78 -20.20 -11.12 -2.31
CA GLU B 78 -19.64 -11.07 -3.66
C GLU B 78 -19.91 -12.38 -4.37
N VAL B 79 -20.43 -12.29 -5.59
CA VAL B 79 -20.64 -13.45 -6.44
C VAL B 79 -19.71 -13.34 -7.66
N PHE B 80 -18.87 -14.38 -7.84
CA PHE B 80 -17.78 -14.48 -8.80
C PHE B 80 -18.03 -15.59 -9.80
N LYS B 81 -17.43 -15.45 -10.99
CA LYS B 81 -17.37 -16.53 -11.98
C LYS B 81 -16.33 -17.59 -11.61
N SER B 82 -16.18 -18.59 -12.50
CA SER B 82 -15.39 -19.79 -12.19
C SER B 82 -13.94 -19.46 -11.82
N ASP B 83 -13.39 -18.37 -12.38
CA ASP B 83 -12.03 -17.97 -12.01
C ASP B 83 -11.94 -17.46 -10.58
N GLY B 84 -13.07 -17.15 -9.94
CA GLY B 84 -12.99 -16.57 -8.61
C GLY B 84 -12.46 -15.16 -8.58
N SER B 85 -12.43 -14.49 -9.74
CA SER B 85 -11.91 -13.13 -9.85
C SER B 85 -12.89 -12.20 -10.59
N THR B 86 -13.65 -12.73 -11.53
CA THR B 86 -14.60 -11.92 -12.29
C THR B 86 -15.90 -11.80 -11.51
N LEU B 87 -16.25 -10.57 -11.10
CA LEU B 87 -17.49 -10.39 -10.35
C LEU B 87 -18.71 -10.50 -11.25
N VAL B 88 -19.75 -11.09 -10.69
CA VAL B 88 -21.11 -11.06 -11.21
C VAL B 88 -21.95 -10.04 -10.46
N SER B 89 -21.85 -10.06 -9.13
CA SER B 89 -22.59 -9.07 -8.36
C SER B 89 -21.90 -8.82 -7.02
N LYS B 90 -22.24 -7.68 -6.41
CA LYS B 90 -21.70 -7.33 -5.10
C LYS B 90 -22.72 -6.53 -4.31
N LYS B 91 -23.01 -7.00 -3.09
CA LYS B 91 -24.03 -6.39 -2.24
C LYS B 91 -23.40 -6.02 -0.92
N VAL B 92 -23.38 -4.73 -0.61
CA VAL B 92 -22.86 -4.21 0.64
C VAL B 92 -24.07 -3.76 1.47
N THR B 93 -24.20 -4.27 2.69
CA THR B 93 -25.26 -3.79 3.57
C THR B 93 -24.66 -3.33 4.88
N SER B 94 -25.02 -2.14 5.31
CA SER B 94 -24.57 -1.60 6.58
C SER B 94 -25.63 -1.85 7.66
N LYS B 95 -25.21 -1.66 8.91
CA LYS B 95 -26.09 -1.93 10.05
C LYS B 95 -27.30 -0.99 10.05
N ASP B 96 -27.13 0.27 9.62
CA ASP B 96 -28.29 1.17 9.49
C ASP B 96 -29.24 0.77 8.36
N LYS B 97 -29.05 -0.41 7.73
CA LYS B 97 -29.89 -0.94 6.65
C LYS B 97 -29.66 -0.24 5.31
N SER B 98 -28.76 0.74 5.24
CA SER B 98 -28.29 1.28 3.96
C SER B 98 -27.50 0.22 3.20
N SER B 99 -27.40 0.39 1.89
CA SER B 99 -26.83 -0.67 1.06
C SER B 99 -26.38 -0.15 -0.29
N THR B 100 -25.53 -0.94 -0.93
CA THR B 100 -25.06 -0.74 -2.30
C THR B 100 -25.13 -2.09 -3.02
N TYR B 101 -25.79 -2.11 -4.17
CA TYR B 101 -25.85 -3.28 -5.02
C TYR B 101 -25.24 -2.94 -6.37
N GLU B 102 -24.32 -3.78 -6.82
CA GLU B 102 -23.68 -3.64 -8.12
C GLU B 102 -23.89 -4.94 -8.89
N LYS B 103 -24.31 -4.80 -10.13
CA LYS B 103 -24.38 -5.89 -11.07
C LYS B 103 -23.37 -5.64 -12.18
N PHE B 104 -22.68 -6.70 -12.59
CA PHE B 104 -21.62 -6.64 -13.58
C PHE B 104 -22.00 -7.48 -14.79
N ASN B 105 -21.54 -7.05 -15.97
CA ASN B 105 -21.79 -7.81 -17.19
C ASN B 105 -20.85 -9.02 -17.24
N GLU B 106 -20.90 -9.76 -18.35
CA GLU B 106 -20.21 -11.03 -18.46
C GLU B 106 -18.71 -10.87 -18.51
N LYS B 107 -18.22 -9.72 -18.97
CA LYS B 107 -16.79 -9.41 -18.87
C LYS B 107 -16.40 -8.88 -17.49
N GLY B 108 -17.37 -8.68 -16.59
CA GLY B 108 -17.07 -8.23 -15.26
C GLY B 108 -16.96 -6.73 -15.11
N GLU B 109 -17.53 -5.98 -16.05
CA GLU B 109 -17.57 -4.53 -15.99
C GLU B 109 -18.89 -4.10 -15.37
N LEU B 110 -18.83 -3.05 -14.55
CA LEU B 110 -20.03 -2.56 -13.88
C LEU B 110 -21.11 -2.20 -14.90
N SER B 111 -22.32 -2.70 -14.69
CA SER B 111 -23.42 -2.31 -15.57
C SER B 111 -24.56 -1.64 -14.86
N GLU B 112 -24.76 -1.93 -13.56
CA GLU B 112 -25.80 -1.26 -12.78
C GLU B 112 -25.38 -1.07 -11.33
N LYS B 113 -25.77 0.07 -10.75
CA LYS B 113 -25.43 0.39 -9.37
C LYS B 113 -26.60 1.08 -8.66
N TYR B 114 -26.98 0.53 -7.50
CA TYR B 114 -28.01 1.09 -6.65
C TYR B 114 -27.40 1.39 -5.28
N ILE B 115 -27.42 2.64 -4.85
CA ILE B 115 -27.07 2.99 -3.48
C ILE B 115 -28.34 3.51 -2.80
N THR B 116 -28.61 2.99 -1.60
CA THR B 116 -29.64 3.50 -0.71
C THR B 116 -29.00 3.84 0.63
N ARG B 117 -29.42 4.96 1.23
CA ARG B 117 -28.81 5.41 2.47
C ARG B 117 -29.83 5.45 3.59
N ALA B 118 -29.32 5.66 4.82
CA ALA B 118 -30.18 5.66 6.00
C ALA B 118 -31.28 6.71 5.88
N ASP B 119 -30.91 7.94 5.53
CA ASP B 119 -31.88 9.03 5.28
C ASP B 119 -32.77 8.81 4.05
N LYS B 120 -32.85 7.62 3.43
CA LYS B 120 -33.72 7.30 2.30
C LYS B 120 -33.35 8.03 1.00
N SER B 121 -32.26 8.79 0.99
CA SER B 121 -31.71 9.22 -0.27
C SER B 121 -31.17 7.99 -1.03
N SER B 122 -30.83 8.18 -2.30
CA SER B 122 -30.43 7.03 -3.10
C SER B 122 -29.93 7.50 -4.45
N THR B 123 -29.13 6.65 -5.10
CA THR B 123 -28.68 6.92 -6.46
C THR B 123 -28.66 5.64 -7.27
N TYR B 124 -29.10 5.76 -8.50
CA TYR B 124 -29.17 4.68 -9.45
C TYR B 124 -28.34 5.05 -10.67
N GLU B 125 -27.43 4.16 -11.05
CA GLU B 125 -26.62 4.34 -12.24
C GLU B 125 -26.78 3.13 -13.14
N LYS B 126 -26.83 3.41 -14.45
CA LYS B 126 -26.86 2.39 -15.49
C LYS B 126 -25.82 2.76 -16.54
N PHE B 127 -24.97 1.78 -16.90
CA PHE B 127 -23.89 1.91 -17.87
C PHE B 127 -24.15 1.06 -19.10
N ASN B 128 -23.68 1.51 -20.26
CA ASN B 128 -23.79 0.69 -21.47
C ASN B 128 -22.57 -0.22 -21.63
N GLU B 129 -22.60 -1.07 -22.65
CA GLU B 129 -21.51 -2.02 -22.88
C GLU B 129 -20.16 -1.33 -23.03
N LYS B 130 -20.13 -0.11 -23.59
CA LYS B 130 -18.89 0.65 -23.69
C LYS B 130 -18.38 1.13 -22.33
N GLY B 131 -19.10 0.86 -21.23
CA GLY B 131 -18.71 1.37 -19.93
C GLY B 131 -19.07 2.83 -19.71
N GLU B 132 -19.97 3.37 -20.51
CA GLU B 132 -20.38 4.77 -20.45
C GLU B 132 -21.68 4.88 -19.65
N LEU B 133 -21.77 5.93 -18.84
CA LEU B 133 -23.01 6.23 -18.10
C LEU B 133 -24.17 6.54 -19.05
N SER B 134 -25.20 5.71 -19.04
CA SER B 134 -26.34 6.03 -19.89
C SER B 134 -27.53 6.58 -19.11
N GLU B 135 -27.66 6.28 -17.82
CA GLU B 135 -28.63 7.04 -17.02
C GLU B 135 -28.20 7.14 -15.57
N LYS B 136 -28.60 8.24 -14.92
CA LYS B 136 -28.40 8.41 -13.49
C LYS B 136 -29.60 9.08 -12.85
N TYR B 137 -30.05 8.53 -11.73
CA TYR B 137 -31.25 8.97 -11.03
C TYR B 137 -30.88 9.13 -9.56
N ILE B 138 -30.88 10.36 -9.07
CA ILE B 138 -30.57 10.67 -7.69
C ILE B 138 -31.84 11.14 -7.01
N THR B 139 -32.11 10.60 -5.82
CA THR B 139 -33.11 11.18 -4.94
C THR B 139 -32.47 11.58 -3.61
N ARG B 140 -32.88 12.72 -3.07
CA ARG B 140 -32.28 13.28 -1.86
C ARG B 140 -33.12 12.95 -0.63
N ALA B 141 -32.60 13.34 0.54
CA ALA B 141 -33.31 13.15 1.82
C ALA B 141 -34.67 13.85 1.82
N ASP B 142 -34.71 15.15 1.49
CA ASP B 142 -35.97 15.72 1.03
C ASP B 142 -36.33 15.02 -0.27
N LYS B 143 -37.60 14.92 -0.60
CA LYS B 143 -37.80 13.96 -1.68
C LYS B 143 -37.49 14.51 -3.11
N SER B 144 -36.66 15.54 -3.27
CA SER B 144 -36.29 16.02 -4.59
C SER B 144 -35.41 15.00 -5.33
N SER B 145 -35.30 15.17 -6.66
CA SER B 145 -34.61 14.21 -7.51
C SER B 145 -34.01 14.89 -8.75
N THR B 146 -33.03 14.20 -9.32
CA THR B 146 -32.45 14.52 -10.62
C THR B 146 -32.40 13.25 -11.44
N TYR B 147 -32.79 13.34 -12.70
CA TYR B 147 -32.74 12.23 -13.62
C TYR B 147 -32.04 12.70 -14.89
N GLU B 148 -30.85 12.19 -15.15
CA GLU B 148 -30.12 12.48 -16.37
C GLU B 148 -30.09 11.23 -17.25
N LYS B 149 -30.30 11.44 -18.54
CA LYS B 149 -30.23 10.38 -19.54
C LYS B 149 -29.29 10.86 -20.61
N PHE B 150 -28.44 9.94 -21.09
CA PHE B 150 -27.31 10.20 -21.96
C PHE B 150 -27.41 9.40 -23.25
N ASN B 151 -26.78 9.89 -24.32
CA ASN B 151 -26.74 9.13 -25.56
C ASN B 151 -25.51 8.23 -25.58
N GLU B 152 -25.32 7.52 -26.69
CA GLU B 152 -24.19 6.59 -26.80
C GLU B 152 -22.85 7.33 -26.74
N LYS B 153 -22.78 8.54 -27.30
CA LYS B 153 -21.55 9.34 -27.21
C LYS B 153 -21.27 9.85 -25.81
N GLY B 154 -22.12 9.55 -24.83
CA GLY B 154 -21.96 10.03 -23.48
C GLY B 154 -22.50 11.43 -23.23
N GLU B 155 -23.08 12.07 -24.23
CA GLU B 155 -23.59 13.42 -24.09
C GLU B 155 -24.93 13.41 -23.38
N LEU B 156 -25.15 14.41 -22.52
CA LEU B 156 -26.42 14.62 -21.85
C LEU B 156 -27.54 14.77 -22.88
N SER B 157 -28.47 13.83 -22.89
CA SER B 157 -29.61 13.86 -23.81
C SER B 157 -30.85 14.49 -23.17
N GLU B 158 -31.16 14.12 -21.94
CA GLU B 158 -32.30 14.71 -21.24
C GLU B 158 -31.99 14.87 -19.77
N LYS B 159 -32.70 15.80 -19.14
CA LYS B 159 -32.49 16.14 -17.74
C LYS B 159 -33.83 16.53 -17.13
N TYR B 160 -34.27 15.79 -16.12
CA TYR B 160 -35.55 16.04 -15.45
C TYR B 160 -35.30 16.20 -13.97
N ILE B 161 -35.58 17.39 -13.45
CA ILE B 161 -35.30 17.75 -12.07
C ILE B 161 -36.64 17.92 -11.32
N THR B 162 -36.78 17.29 -10.15
CA THR B 162 -37.92 17.53 -9.27
C THR B 162 -37.44 18.15 -7.96
N ARG B 163 -38.16 19.17 -7.48
CA ARG B 163 -37.76 19.92 -6.30
C ARG B 163 -38.65 19.52 -5.13
N ALA B 164 -38.27 19.95 -3.93
CA ALA B 164 -38.94 19.44 -2.74
C ALA B 164 -40.43 19.84 -2.71
N ASP B 165 -40.79 20.97 -3.31
CA ASP B 165 -42.20 21.38 -3.32
C ASP B 165 -43.03 20.67 -4.39
N LYS B 166 -42.44 19.68 -5.08
CA LYS B 166 -43.03 18.85 -6.13
C LYS B 166 -43.05 19.52 -7.50
N SER B 167 -42.51 20.73 -7.64
CA SER B 167 -42.33 21.31 -8.98
C SER B 167 -41.14 20.65 -9.69
N SER B 168 -41.11 20.79 -11.02
CA SER B 168 -40.11 20.09 -11.82
C SER B 168 -39.69 20.93 -13.02
N THR B 169 -38.54 20.58 -13.58
CA THR B 169 -37.99 21.17 -14.80
C THR B 169 -37.53 20.07 -15.73
N TYR B 170 -37.95 20.13 -16.99
CA TYR B 170 -37.56 19.15 -17.98
C TYR B 170 -36.80 19.85 -19.09
N GLU B 171 -35.65 19.28 -19.45
CA GLU B 171 -34.87 19.73 -20.58
C GLU B 171 -34.51 18.57 -21.49
N LYS B 172 -34.71 18.78 -22.78
CA LYS B 172 -34.22 17.89 -23.82
C LYS B 172 -33.15 18.64 -24.58
N PHE B 173 -32.05 17.96 -24.84
CA PHE B 173 -30.91 18.51 -25.57
C PHE B 173 -30.86 17.91 -26.96
N ASN B 174 -30.49 18.73 -27.94
CA ASN B 174 -30.32 18.23 -29.30
C ASN B 174 -28.91 17.74 -29.54
N GLU B 175 -28.56 17.58 -30.82
CA GLU B 175 -27.37 16.82 -31.20
C GLU B 175 -26.09 17.54 -30.82
N LYS B 176 -26.08 18.87 -30.85
CA LYS B 176 -24.97 19.66 -30.32
C LYS B 176 -25.15 20.02 -28.86
N GLY B 177 -26.11 19.41 -28.18
CA GLY B 177 -26.30 19.67 -26.76
C GLY B 177 -26.93 21.00 -26.43
N GLU B 178 -27.47 21.69 -27.42
CA GLU B 178 -28.32 22.84 -27.18
C GLU B 178 -29.67 22.36 -26.65
N VAL B 179 -30.30 23.17 -25.79
CA VAL B 179 -31.61 22.86 -25.25
C VAL B 179 -32.65 23.01 -26.36
N SER B 180 -33.20 21.89 -26.83
CA SER B 180 -34.22 21.90 -27.87
C SER B 180 -35.64 21.91 -27.31
N GLU B 181 -35.83 21.46 -26.07
CA GLU B 181 -37.15 21.61 -25.47
C GLU B 181 -36.96 21.81 -23.97
N LYS B 182 -37.79 22.68 -23.38
CA LYS B 182 -37.65 23.02 -21.97
C LYS B 182 -39.00 23.44 -21.43
N TYR B 183 -39.43 22.81 -20.34
CA TYR B 183 -40.62 23.29 -19.67
C TYR B 183 -40.45 23.14 -18.15
N ILE B 184 -41.27 23.90 -17.40
CA ILE B 184 -41.35 23.83 -15.95
C ILE B 184 -42.78 23.49 -15.54
N THR B 185 -42.94 22.46 -14.71
CA THR B 185 -44.25 22.10 -14.16
C THR B 185 -44.30 22.52 -12.71
N ARG B 186 -45.19 23.48 -12.40
CA ARG B 186 -45.45 23.93 -11.05
C ARG B 186 -46.09 22.81 -10.21
N ALA B 187 -46.22 23.08 -8.91
CA ALA B 187 -46.83 22.10 -8.01
C ALA B 187 -48.29 21.84 -8.35
N ASP B 188 -49.00 22.86 -8.83
CA ASP B 188 -50.42 22.73 -9.14
C ASP B 188 -50.72 21.84 -10.34
N GLY B 189 -49.70 21.35 -11.04
CA GLY B 189 -49.89 20.65 -12.28
C GLY B 189 -49.85 21.53 -13.53
N THR B 190 -49.88 22.85 -13.36
CA THR B 190 -49.74 23.73 -14.51
C THR B 190 -48.32 23.70 -15.04
N ARG B 191 -48.20 23.91 -16.35
CA ARG B 191 -46.97 23.74 -17.10
C ARG B 191 -46.66 25.02 -17.86
N LEU B 192 -45.37 25.38 -17.91
CA LEU B 192 -44.91 26.57 -18.62
C LEU B 192 -43.78 26.19 -19.58
N GLU B 193 -44.03 26.39 -20.88
CA GLU B 193 -43.03 26.15 -21.91
C GLU B 193 -42.05 27.33 -22.00
N TYR B 194 -40.86 27.04 -22.53
CA TYR B 194 -39.79 28.02 -22.64
C TYR B 194 -39.29 28.08 -24.09
N THR B 195 -40.22 28.40 -25.00
CA THR B 195 -39.99 28.70 -26.42
C THR B 195 -38.64 28.29 -27.00
N ASN C 6 50.98 -19.78 1.11
CA ASN C 6 50.51 -20.89 0.27
C ASN C 6 49.04 -20.76 -0.06
N SER C 7 48.60 -19.51 -0.21
CA SER C 7 47.20 -19.19 -0.44
C SER C 7 47.08 -18.20 -1.60
N VAL C 8 45.84 -18.05 -2.08
CA VAL C 8 45.52 -17.26 -3.26
C VAL C 8 44.71 -16.05 -2.81
N SER C 9 45.07 -14.88 -3.31
CA SER C 9 44.40 -13.65 -2.93
C SER C 9 43.24 -13.36 -3.87
N VAL C 10 42.15 -12.85 -3.31
CA VAL C 10 40.97 -12.43 -4.06
C VAL C 10 40.62 -11.00 -3.66
N ASP C 11 40.36 -10.15 -4.67
CA ASP C 11 39.82 -8.82 -4.44
C ASP C 11 38.34 -8.89 -4.10
N LEU C 12 37.91 -8.00 -3.21
CA LEU C 12 36.54 -7.88 -2.77
C LEU C 12 36.02 -6.47 -3.02
N PRO C 13 34.71 -6.31 -3.16
CA PRO C 13 34.13 -4.98 -3.07
C PRO C 13 34.50 -4.35 -1.73
N GLY C 14 34.68 -3.04 -1.75
CA GLY C 14 35.02 -2.33 -0.52
C GLY C 14 36.50 -2.32 -0.23
N SER C 15 37.33 -2.44 -1.25
CA SER C 15 38.78 -2.33 -1.16
C SER C 15 39.38 -3.37 -0.22
N MET C 16 38.67 -4.48 -0.01
CA MET C 16 39.13 -5.53 0.88
C MET C 16 39.73 -6.65 0.04
N LYS C 17 40.45 -7.54 0.72
CA LYS C 17 41.01 -8.72 0.08
C LYS C 17 40.84 -9.89 1.03
N VAL C 18 40.65 -11.08 0.46
CA VAL C 18 40.61 -12.29 1.26
C VAL C 18 41.62 -13.27 0.70
N LEU C 19 42.27 -14.02 1.58
CA LEU C 19 43.16 -15.10 1.19
C LEU C 19 42.45 -16.44 1.37
N VAL C 20 42.49 -17.24 0.31
CA VAL C 20 41.78 -18.52 0.21
C VAL C 20 42.81 -19.63 0.05
N SER C 21 42.59 -20.76 0.71
CA SER C 21 43.45 -21.90 0.43
C SER C 21 42.72 -23.17 0.82
N LYS C 22 42.75 -24.17 -0.05
CA LYS C 22 42.07 -25.42 0.26
C LYS C 22 42.73 -26.05 1.48
N SER C 23 41.92 -26.29 2.51
CA SER C 23 42.42 -26.83 3.76
C SER C 23 42.79 -28.30 3.60
N SER C 24 43.64 -28.77 4.50
CA SER C 24 43.97 -30.19 4.52
C SER C 24 42.80 -31.03 5.01
N ASN C 25 41.94 -30.45 5.84
CA ASN C 25 40.74 -31.12 6.35
C ASN C 25 39.99 -31.80 5.22
N ALA C 26 39.65 -33.07 5.44
CA ALA C 26 39.01 -33.89 4.41
C ALA C 26 37.81 -33.20 3.78
N ASP C 27 37.15 -32.31 4.53
CA ASP C 27 36.06 -31.49 4.02
C ASP C 27 36.44 -30.84 2.68
N GLY C 28 35.45 -30.65 1.83
CA GLY C 28 35.67 -29.87 0.63
C GLY C 28 35.70 -28.39 0.95
N LYS C 29 36.45 -28.01 1.98
CA LYS C 29 36.39 -26.69 2.57
C LYS C 29 37.67 -25.92 2.33
N TYR C 30 37.51 -24.64 2.01
CA TYR C 30 38.58 -23.69 1.82
C TYR C 30 38.69 -22.79 3.05
N ASP C 31 39.92 -22.56 3.50
CA ASP C 31 40.19 -21.67 4.61
C ASP C 31 40.24 -20.24 4.10
N LEU C 32 39.61 -19.34 4.83
CA LEU C 32 39.55 -17.93 4.49
C LEU C 32 40.22 -17.11 5.60
N ILE C 33 41.06 -16.16 5.21
CA ILE C 33 41.67 -15.20 6.13
C ILE C 33 41.61 -13.82 5.50
N ALA C 34 41.14 -12.84 6.24
CA ALA C 34 41.25 -11.47 5.78
C ALA C 34 41.69 -10.60 6.93
N THR C 35 42.25 -9.44 6.58
CA THR C 35 42.57 -8.41 7.55
C THR C 35 41.74 -7.18 7.23
N VAL C 36 40.88 -6.80 8.15
CA VAL C 36 39.94 -5.71 7.94
C VAL C 36 40.11 -4.73 9.09
N ASP C 37 40.41 -3.47 8.76
CA ASP C 37 40.64 -2.44 9.76
C ASP C 37 41.62 -2.93 10.81
N ALA C 38 42.69 -3.57 10.33
CA ALA C 38 43.78 -4.04 11.17
C ALA C 38 43.34 -5.15 12.13
N LEU C 39 42.32 -5.90 11.78
CA LEU C 39 41.84 -7.00 12.61
C LEU C 39 41.75 -8.26 11.77
N GLU C 40 42.22 -9.37 12.31
CA GLU C 40 42.31 -10.61 11.55
C GLU C 40 41.00 -11.39 11.69
N LEU C 41 40.35 -11.67 10.57
CA LEU C 41 39.16 -12.49 10.51
C LEU C 41 39.49 -13.80 9.81
N SER C 42 38.79 -14.86 10.24
CA SER C 42 38.98 -16.17 9.66
C SER C 42 37.62 -16.83 9.48
N GLY C 43 37.56 -17.70 8.48
CA GLY C 43 36.37 -18.51 8.29
C GLY C 43 36.71 -19.68 7.38
N THR C 44 35.70 -20.49 7.09
CA THR C 44 35.83 -21.53 6.09
C THR C 44 34.65 -21.43 5.15
N SER C 45 34.83 -21.96 3.95
CA SER C 45 33.78 -21.95 2.95
C SER C 45 33.79 -23.27 2.18
N ASP C 46 32.65 -23.57 1.57
CA ASP C 46 32.57 -24.69 0.65
C ASP C 46 33.06 -24.32 -0.74
N LYS C 47 33.04 -23.04 -1.08
CA LYS C 47 33.39 -22.59 -2.40
C LYS C 47 34.87 -22.23 -2.46
N ASN C 48 35.39 -22.06 -3.66
CA ASN C 48 36.81 -21.81 -3.86
C ASN C 48 37.07 -20.44 -4.46
N ASN C 49 36.17 -19.49 -4.22
CA ASN C 49 36.24 -18.19 -4.88
C ASN C 49 36.38 -17.04 -3.89
N GLY C 50 36.65 -17.33 -2.62
CA GLY C 50 36.70 -16.32 -1.59
C GLY C 50 35.37 -15.94 -0.99
N SER C 51 34.25 -16.45 -1.47
CA SER C 51 32.98 -16.08 -0.85
C SER C 51 32.77 -16.85 0.45
N GLY C 52 31.85 -16.38 1.27
CA GLY C 52 31.60 -17.06 2.52
C GLY C 52 31.68 -16.12 3.71
N VAL C 53 31.98 -16.64 4.89
CA VAL C 53 31.88 -15.85 6.11
C VAL C 53 33.21 -15.90 6.85
N LEU C 54 33.65 -14.75 7.34
CA LEU C 54 34.83 -14.68 8.20
C LEU C 54 34.46 -13.97 9.48
N GLU C 55 35.01 -14.43 10.60
CA GLU C 55 34.66 -13.84 11.87
C GLU C 55 35.91 -13.51 12.65
N GLY C 56 35.75 -12.54 13.55
CA GLY C 56 36.84 -12.12 14.41
C GLY C 56 36.27 -11.50 15.66
N VAL C 57 37.14 -11.30 16.63
CA VAL C 57 36.77 -10.77 17.93
C VAL C 57 37.74 -9.66 18.27
N LYS C 58 37.21 -8.50 18.70
CA LYS C 58 38.05 -7.43 19.18
C LYS C 58 38.36 -7.63 20.66
N ALA C 59 39.36 -6.88 21.15
CA ALA C 59 39.81 -7.05 22.53
C ALA C 59 38.75 -6.66 23.56
N ASP C 60 37.77 -5.84 23.20
CA ASP C 60 36.61 -5.60 24.08
C ASP C 60 35.53 -6.66 23.93
N ALA C 61 35.85 -7.81 23.34
CA ALA C 61 34.94 -8.93 23.10
C ALA C 61 33.87 -8.66 22.02
N SER C 62 33.84 -7.46 21.40
CA SER C 62 33.01 -7.24 20.21
C SER C 62 33.31 -8.29 19.16
N LYS C 63 32.24 -8.75 18.51
CA LYS C 63 32.37 -9.68 17.41
C LYS C 63 32.24 -8.94 16.08
N VAL C 64 32.95 -9.44 15.07
CA VAL C 64 32.99 -8.84 13.75
C VAL C 64 32.73 -9.96 12.76
N LYS C 65 31.88 -9.70 11.78
CA LYS C 65 31.49 -10.71 10.80
C LYS C 65 31.56 -10.10 9.42
N LEU C 66 32.30 -10.75 8.52
CA LEU C 66 32.40 -10.35 7.12
C LEU C 66 31.73 -11.42 6.27
N THR C 67 30.70 -11.03 5.54
CA THR C 67 30.00 -11.92 4.62
C THR C 67 30.33 -11.46 3.20
N ILE C 68 30.92 -12.34 2.42
CA ILE C 68 31.14 -12.13 1.01
C ILE C 68 30.12 -12.96 0.25
N SER C 69 29.23 -12.30 -0.48
CA SER C 69 28.20 -12.98 -1.27
C SER C 69 28.83 -13.99 -2.24
N ASP C 70 28.00 -14.95 -2.66
CA ASP C 70 28.47 -16.09 -3.45
C ASP C 70 29.09 -15.65 -4.77
N ASP C 71 28.60 -14.57 -5.36
CA ASP C 71 29.15 -14.10 -6.64
C ASP C 71 30.14 -12.97 -6.46
N LEU C 72 30.61 -12.70 -5.24
CA LEU C 72 31.56 -11.63 -4.93
C LEU C 72 31.03 -10.25 -5.29
N GLY C 73 29.74 -10.11 -5.58
CA GLY C 73 29.19 -8.80 -5.87
C GLY C 73 29.03 -7.91 -4.67
N GLN C 74 29.14 -8.45 -3.46
CA GLN C 74 28.76 -7.67 -2.29
C GLN C 74 29.49 -8.16 -1.04
N THR C 75 29.87 -7.23 -0.18
CA THR C 75 30.36 -7.59 1.15
C THR C 75 29.54 -6.88 2.22
N THR C 76 29.41 -7.57 3.33
CA THR C 76 28.75 -7.05 4.52
C THR C 76 29.69 -7.21 5.69
N LEU C 77 29.99 -6.10 6.36
CA LEU C 77 30.86 -6.09 7.53
C LEU C 77 30.01 -5.64 8.70
N GLU C 78 29.86 -6.50 9.69
CA GLU C 78 29.04 -6.21 10.85
C GLU C 78 29.89 -6.25 12.11
N VAL C 79 29.60 -5.31 12.99
CA VAL C 79 30.19 -5.23 14.31
C VAL C 79 29.06 -5.42 15.30
N PHE C 80 29.14 -6.49 16.08
CA PHE C 80 28.21 -6.82 17.13
C PHE C 80 28.84 -6.57 18.50
N LYS C 81 27.96 -6.42 19.49
CA LYS C 81 28.33 -6.56 20.88
C LYS C 81 28.85 -7.98 21.15
N SER C 82 29.23 -8.26 22.39
CA SER C 82 29.84 -9.56 22.71
C SER C 82 28.89 -10.74 22.52
N ASP C 83 27.59 -10.52 22.38
CA ASP C 83 26.73 -11.65 22.09
C ASP C 83 26.84 -12.12 20.64
N GLY C 84 27.53 -11.38 19.75
CA GLY C 84 27.56 -11.74 18.34
C GLY C 84 26.25 -11.51 17.61
N SER C 85 25.30 -10.82 18.21
CA SER C 85 24.01 -10.67 17.53
C SER C 85 23.33 -9.32 17.75
N THR C 86 23.62 -8.58 18.82
CA THR C 86 23.14 -7.21 18.92
C THR C 86 24.08 -6.33 18.09
N LEU C 87 23.54 -5.67 17.07
CA LEU C 87 24.34 -4.92 16.13
C LEU C 87 24.83 -3.60 16.73
N VAL C 88 26.10 -3.29 16.48
CA VAL C 88 26.62 -1.93 16.63
C VAL C 88 26.68 -1.22 15.28
N SER C 89 27.24 -1.89 14.28
CA SER C 89 27.29 -1.24 12.98
C SER C 89 27.27 -2.27 11.86
N LYS C 90 26.87 -1.81 10.67
CA LYS C 90 26.80 -2.67 9.48
C LYS C 90 27.16 -1.87 8.22
N LYS C 91 28.09 -2.39 7.42
CA LYS C 91 28.54 -1.75 6.18
C LYS C 91 28.35 -2.74 5.05
N VAL C 92 27.51 -2.39 4.09
CA VAL C 92 27.26 -3.20 2.90
C VAL C 92 27.86 -2.46 1.73
N THR C 93 28.77 -3.11 0.99
CA THR C 93 29.42 -2.52 -0.18
C THR C 93 29.24 -3.41 -1.38
N SER C 94 28.75 -2.86 -2.49
CA SER C 94 28.53 -3.60 -3.72
C SER C 94 29.66 -3.34 -4.71
N LYS C 95 29.70 -4.15 -5.78
CA LYS C 95 30.83 -4.05 -6.70
C LYS C 95 30.85 -2.70 -7.42
N ASP C 96 29.69 -2.13 -7.70
CA ASP C 96 29.49 -0.83 -8.34
C ASP C 96 29.85 0.35 -7.45
N LYS C 97 30.52 0.11 -6.31
CA LYS C 97 30.98 1.14 -5.38
C LYS C 97 29.89 1.67 -4.46
N SER C 98 28.61 1.45 -4.78
CA SER C 98 27.54 1.89 -3.87
C SER C 98 27.66 1.15 -2.54
N SER C 99 27.13 1.77 -1.49
CA SER C 99 27.25 1.20 -0.15
C SER C 99 26.14 1.72 0.75
N THR C 100 25.98 1.04 1.88
CA THR C 100 25.03 1.35 2.93
C THR C 100 25.77 1.23 4.27
N TYR C 101 25.64 2.23 5.13
CA TYR C 101 26.29 2.26 6.43
C TYR C 101 25.20 2.48 7.47
N GLU C 102 25.05 1.53 8.38
CA GLU C 102 24.06 1.59 9.42
C GLU C 102 24.74 1.61 10.78
N LYS C 103 24.26 2.47 11.66
CA LYS C 103 24.71 2.52 13.04
C LYS C 103 23.49 2.27 13.91
N PHE C 104 23.73 1.62 15.06
CA PHE C 104 22.65 1.16 15.94
C PHE C 104 22.88 1.64 17.37
N ASN C 105 21.78 1.84 18.11
CA ASN C 105 21.87 2.21 19.53
C ASN C 105 22.26 1.00 20.39
N GLU C 106 22.18 1.16 21.72
CA GLU C 106 22.68 0.16 22.66
C GLU C 106 21.86 -1.11 22.61
N LYS C 107 20.60 -1.00 22.18
CA LYS C 107 19.68 -2.13 22.03
C LYS C 107 19.86 -2.87 20.72
N GLY C 108 20.69 -2.35 19.82
CA GLY C 108 20.82 -2.97 18.52
C GLY C 108 19.78 -2.51 17.54
N GLU C 109 19.12 -1.38 17.81
CA GLU C 109 18.11 -0.82 16.93
C GLU C 109 18.72 0.27 16.05
N LEU C 110 18.25 0.32 14.80
CA LEU C 110 18.76 1.27 13.81
C LEU C 110 18.62 2.70 14.32
N SER C 111 19.75 3.43 14.41
CA SER C 111 19.68 4.84 14.73
C SER C 111 20.13 5.75 13.61
N GLU C 112 21.02 5.30 12.73
CA GLU C 112 21.37 6.10 11.55
C GLU C 112 21.61 5.20 10.36
N LYS C 113 21.25 5.68 9.17
CA LYS C 113 21.53 4.97 7.93
C LYS C 113 22.04 5.95 6.89
N TYR C 114 23.18 5.63 6.26
CA TYR C 114 23.79 6.44 5.23
C TYR C 114 23.98 5.60 3.98
N ILE C 115 23.29 5.95 2.90
CA ILE C 115 23.35 5.21 1.63
C ILE C 115 24.06 6.08 0.63
N THR C 116 25.07 5.55 -0.07
CA THR C 116 25.68 6.24 -1.20
C THR C 116 25.52 5.37 -2.44
N ARG C 117 24.86 5.93 -3.46
CA ARG C 117 24.49 5.16 -4.64
C ARG C 117 25.59 5.22 -5.70
N ALA C 118 25.36 4.50 -6.81
CA ALA C 118 26.39 4.34 -7.84
C ALA C 118 26.70 5.67 -8.52
N ASP C 119 25.68 6.45 -8.83
CA ASP C 119 25.88 7.78 -9.39
C ASP C 119 26.37 8.79 -8.36
N LYS C 120 26.79 8.32 -7.20
CA LYS C 120 27.28 9.12 -6.07
C LYS C 120 26.24 10.06 -5.48
N SER C 121 24.97 9.92 -5.85
CA SER C 121 23.90 10.42 -5.01
C SER C 121 23.93 9.71 -3.64
N SER C 122 23.21 10.26 -2.68
CA SER C 122 23.29 9.74 -1.32
C SER C 122 22.03 10.08 -0.55
N THR C 123 21.77 9.30 0.49
CA THR C 123 20.62 9.47 1.38
C THR C 123 21.05 9.28 2.82
N TYR C 124 20.60 10.13 3.71
CA TYR C 124 20.96 10.02 5.12
C TYR C 124 19.69 10.06 5.97
N GLU C 125 19.61 9.14 6.93
CA GLU C 125 18.46 9.05 7.84
C GLU C 125 18.96 8.99 9.27
N LYS C 126 18.39 9.83 10.13
CA LYS C 126 18.71 9.90 11.56
C LYS C 126 17.42 9.71 12.34
N PHE C 127 17.41 8.73 13.25
CA PHE C 127 16.23 8.39 14.03
C PHE C 127 16.39 8.88 15.47
N ASN C 128 15.27 9.23 16.11
CA ASN C 128 15.31 9.70 17.49
C ASN C 128 15.25 8.54 18.47
N GLU C 129 15.29 8.86 19.77
CA GLU C 129 15.44 7.87 20.84
C GLU C 129 14.27 6.89 20.92
N LYS C 130 13.10 7.26 20.39
CA LYS C 130 11.95 6.37 20.31
C LYS C 130 11.85 5.66 18.94
N GLY C 131 12.93 5.63 18.17
CA GLY C 131 12.89 5.00 16.87
C GLY C 131 12.08 5.75 15.82
N GLU C 132 11.71 7.00 16.08
CA GLU C 132 11.05 7.81 15.05
C GLU C 132 12.10 8.46 14.16
N LEU C 133 11.80 8.54 12.87
CA LEU C 133 12.64 9.28 11.94
C LEU C 133 12.72 10.73 12.37
N SER C 134 13.94 11.20 12.68
CA SER C 134 14.11 12.59 13.09
C SER C 134 14.57 13.49 11.95
N GLU C 135 15.37 12.97 11.02
CA GLU C 135 15.99 13.86 10.04
C GLU C 135 16.32 13.00 8.83
N LYS C 136 16.23 13.58 7.64
CA LYS C 136 16.51 12.80 6.44
C LYS C 136 16.93 13.73 5.32
N TYR C 137 17.89 13.32 4.52
CA TYR C 137 18.15 14.06 3.30
C TYR C 137 18.51 13.14 2.16
N ILE C 138 18.40 13.69 0.97
CA ILE C 138 18.75 13.03 -0.27
C ILE C 138 19.46 14.08 -1.10
N THR C 139 20.63 13.73 -1.64
CA THR C 139 21.33 14.50 -2.65
C THR C 139 21.43 13.63 -3.88
N ARG C 140 21.31 14.23 -5.06
CA ARG C 140 21.26 13.52 -6.33
C ARG C 140 22.45 13.88 -7.21
N ALA C 141 22.59 13.15 -8.34
CA ALA C 141 23.74 13.34 -9.22
C ALA C 141 23.76 14.75 -9.82
N ASP C 142 22.61 15.22 -10.30
CA ASP C 142 22.48 16.57 -10.82
C ASP C 142 22.68 17.62 -9.74
N LYS C 143 22.98 17.17 -8.51
CA LYS C 143 23.30 17.99 -7.35
C LYS C 143 22.10 18.77 -6.81
N SER C 144 20.87 18.34 -7.14
CA SER C 144 19.70 18.75 -6.38
C SER C 144 19.67 18.02 -5.04
N SER C 145 18.76 18.43 -4.16
CA SER C 145 18.67 17.77 -2.86
C SER C 145 17.36 18.12 -2.17
N THR C 146 16.95 17.23 -1.27
CA THR C 146 15.81 17.45 -0.38
C THR C 146 16.26 17.16 1.04
N TYR C 147 15.90 18.04 1.98
CA TYR C 147 16.25 17.86 3.38
C TYR C 147 14.99 18.01 4.20
N GLU C 148 14.72 17.04 5.08
CA GLU C 148 13.51 17.01 5.87
C GLU C 148 13.87 16.88 7.36
N LYS C 149 13.19 17.67 8.16
CA LYS C 149 13.29 17.57 9.61
C LYS C 149 11.92 17.23 10.16
N PHE C 150 11.87 16.30 11.12
CA PHE C 150 10.65 15.84 11.74
C PHE C 150 10.67 16.21 13.21
N ASN C 151 9.49 16.26 13.81
CA ASN C 151 9.38 16.71 15.19
C ASN C 151 9.45 15.51 16.14
N GLU C 152 8.96 15.66 17.36
CA GLU C 152 9.11 14.64 18.40
C GLU C 152 8.14 13.48 18.21
N LYS C 153 6.99 13.71 17.58
CA LYS C 153 6.10 12.60 17.22
C LYS C 153 6.55 11.94 15.92
N GLY C 154 7.36 12.62 15.12
CA GLY C 154 7.93 12.04 13.92
C GLY C 154 7.25 12.42 12.63
N GLU C 155 6.53 13.53 12.61
CA GLU C 155 5.95 14.01 11.36
C GLU C 155 6.59 15.32 10.93
N LEU C 156 6.53 15.57 9.61
CA LEU C 156 7.36 16.57 8.95
C LEU C 156 7.22 17.94 9.60
N SER C 157 8.36 18.55 9.93
CA SER C 157 8.43 19.92 10.44
C SER C 157 9.04 20.89 9.43
N GLU C 158 10.13 20.50 8.76
CA GLU C 158 10.80 21.40 7.82
C GLU C 158 11.21 20.65 6.57
N LYS C 159 11.31 21.39 5.46
CA LYS C 159 11.66 20.81 4.17
C LYS C 159 12.42 21.83 3.33
N TYR C 160 13.71 21.56 3.05
CA TYR C 160 14.54 22.28 2.07
C TYR C 160 14.54 21.52 0.74
N ILE C 161 14.10 22.17 -0.34
CA ILE C 161 14.29 21.62 -1.69
C ILE C 161 15.28 22.52 -2.43
N THR C 162 16.44 21.98 -2.79
CA THR C 162 17.42 22.66 -3.62
C THR C 162 17.36 22.04 -5.02
N ARG C 163 17.05 22.85 -6.02
CA ARG C 163 16.97 22.31 -7.37
C ARG C 163 18.35 22.27 -8.02
N ALA C 164 18.38 21.66 -9.20
CA ALA C 164 19.63 21.53 -9.95
C ALA C 164 20.29 22.89 -10.20
N ASP C 165 19.49 23.92 -10.52
CA ASP C 165 20.04 25.23 -10.85
C ASP C 165 20.37 26.10 -9.63
N LYS C 166 20.54 25.51 -8.44
CA LYS C 166 20.88 26.17 -7.18
C LYS C 166 19.73 26.97 -6.56
N SER C 167 18.56 27.04 -7.21
CA SER C 167 17.41 27.67 -6.60
C SER C 167 16.80 26.75 -5.55
N SER C 168 16.01 27.32 -4.63
CA SER C 168 15.59 26.52 -3.49
C SER C 168 14.28 27.05 -2.90
N THR C 169 13.58 26.15 -2.19
CA THR C 169 12.38 26.48 -1.41
C THR C 169 12.43 25.82 -0.04
N TYR C 170 12.25 26.63 0.99
CA TYR C 170 12.16 26.23 2.39
C TYR C 170 10.69 26.23 2.77
N GLU C 171 10.26 25.21 3.50
CA GLU C 171 8.90 25.15 4.02
C GLU C 171 8.92 24.74 5.47
N LYS C 172 8.17 25.46 6.30
CA LYS C 172 7.90 25.08 7.67
C LYS C 172 6.45 24.61 7.78
N PHE C 173 6.20 23.73 8.75
CA PHE C 173 4.88 23.13 8.92
C PHE C 173 4.40 23.34 10.35
N ASN C 174 3.09 23.15 10.55
CA ASN C 174 2.41 23.39 11.82
C ASN C 174 1.92 22.08 12.44
N GLU C 175 0.89 22.16 13.29
CA GLU C 175 0.34 20.98 13.94
C GLU C 175 -0.27 20.01 12.92
N LYS C 176 -1.05 20.53 12.00
CA LYS C 176 -1.50 19.74 10.87
C LYS C 176 -0.35 19.61 9.87
N GLY C 177 -0.61 18.98 8.72
CA GLY C 177 0.38 18.92 7.67
C GLY C 177 0.32 20.14 6.78
N GLU C 178 0.07 21.30 7.39
CA GLU C 178 -0.14 22.55 6.67
C GLU C 178 1.13 23.40 6.67
N VAL C 179 1.40 24.04 5.54
CA VAL C 179 2.57 24.90 5.40
C VAL C 179 2.28 26.24 6.09
N SER C 180 3.14 26.61 7.04
CA SER C 180 3.00 27.90 7.69
C SER C 180 3.96 28.96 7.14
N GLU C 181 5.08 28.56 6.54
CA GLU C 181 6.01 29.47 5.87
C GLU C 181 6.60 28.79 4.64
N LYS C 182 6.70 29.54 3.54
CA LYS C 182 7.40 29.08 2.34
C LYS C 182 8.31 30.20 1.83
N TYR C 183 9.60 30.00 2.00
CA TYR C 183 10.64 30.98 1.66
C TYR C 183 11.37 30.50 0.40
N ILE C 184 11.47 31.35 -0.61
CA ILE C 184 12.00 30.92 -1.91
C ILE C 184 13.26 31.70 -2.26
N THR C 185 14.15 31.06 -3.02
CA THR C 185 15.48 31.59 -3.33
C THR C 185 15.83 31.33 -4.79
N ARG C 186 16.30 32.38 -5.47
CA ARG C 186 16.75 32.33 -6.85
C ARG C 186 18.06 31.56 -6.98
N ALA C 187 18.45 31.29 -8.23
CA ALA C 187 19.71 30.59 -8.48
C ALA C 187 20.89 31.34 -7.88
N ASP C 188 20.86 32.68 -7.97
CA ASP C 188 21.99 33.50 -7.55
C ASP C 188 22.02 33.75 -6.05
N GLY C 189 21.07 33.21 -5.29
CA GLY C 189 21.06 33.31 -3.85
C GLY C 189 20.13 34.36 -3.25
N THR C 190 19.41 35.12 -4.06
CA THR C 190 18.60 36.23 -3.58
C THR C 190 17.19 35.75 -3.27
N ARG C 191 16.58 36.35 -2.22
CA ARG C 191 15.19 36.03 -1.86
C ARG C 191 14.21 36.37 -2.97
N LEU C 192 13.42 35.37 -3.38
CA LEU C 192 12.29 35.57 -4.28
C LEU C 192 11.01 35.63 -3.44
N GLU C 193 10.36 36.78 -3.43
CA GLU C 193 9.12 36.93 -2.69
C GLU C 193 7.91 36.79 -3.60
N ASN D 6 13.38 -17.50 -17.22
CA ASN D 6 13.03 -17.78 -18.62
C ASN D 6 11.67 -17.15 -19.00
N SER D 7 11.36 -16.01 -18.38
CA SER D 7 10.08 -15.38 -18.64
C SER D 7 10.14 -14.53 -19.91
N VAL D 8 8.96 -14.13 -20.37
CA VAL D 8 8.75 -13.29 -21.55
C VAL D 8 7.95 -12.06 -21.14
N SER D 9 8.38 -10.90 -21.63
CA SER D 9 7.70 -9.64 -21.38
C SER D 9 6.51 -9.47 -22.34
N VAL D 10 5.45 -8.82 -21.82
CA VAL D 10 4.24 -8.49 -22.57
C VAL D 10 3.85 -7.07 -22.19
N ASP D 11 3.63 -6.21 -23.20
CA ASP D 11 3.12 -4.86 -22.98
C ASP D 11 1.62 -4.88 -22.74
N LEU D 12 1.16 -4.01 -21.84
CA LEU D 12 -0.25 -3.97 -21.45
C LEU D 12 -0.79 -2.58 -21.66
N PRO D 13 -2.05 -2.44 -22.05
CA PRO D 13 -2.68 -1.11 -22.05
C PRO D 13 -2.49 -0.45 -20.70
N GLY D 14 -2.23 0.86 -20.74
CA GLY D 14 -2.00 1.63 -19.54
C GLY D 14 -0.54 1.77 -19.16
N SER D 15 0.37 1.48 -20.08
CA SER D 15 1.81 1.60 -19.84
C SER D 15 2.26 0.69 -18.71
N MET D 16 1.74 -0.52 -18.68
CA MET D 16 2.22 -1.52 -17.74
C MET D 16 2.82 -2.67 -18.54
N LYS D 17 3.58 -3.53 -17.87
CA LYS D 17 3.91 -4.78 -18.53
C LYS D 17 3.98 -5.91 -17.52
N VAL D 18 3.79 -7.11 -18.03
CA VAL D 18 3.81 -8.30 -17.20
C VAL D 18 4.89 -9.24 -17.71
N LEU D 19 5.55 -9.94 -16.78
CA LEU D 19 6.41 -11.07 -17.12
C LEU D 19 5.63 -12.39 -16.99
N VAL D 20 5.68 -13.19 -18.03
CA VAL D 20 4.94 -14.44 -18.13
C VAL D 20 5.96 -15.58 -18.20
N SER D 21 5.73 -16.64 -17.44
CA SER D 21 6.69 -17.72 -17.34
C SER D 21 5.92 -19.01 -17.19
N LYS D 22 6.21 -19.99 -18.03
CA LYS D 22 5.65 -21.32 -17.83
C LYS D 22 6.06 -21.84 -16.47
N SER D 23 5.08 -22.26 -15.67
CA SER D 23 5.35 -22.86 -14.37
C SER D 23 5.82 -24.28 -14.57
N SER D 24 6.86 -24.66 -13.82
CA SER D 24 7.29 -26.05 -13.80
C SER D 24 6.56 -26.86 -12.73
N ASN D 25 6.01 -26.18 -11.72
CA ASN D 25 5.36 -26.81 -10.57
C ASN D 25 4.30 -27.82 -11.01
N ALA D 26 3.19 -27.34 -11.55
CA ALA D 26 2.09 -28.21 -11.95
C ALA D 26 1.07 -27.36 -12.69
N ASP D 27 0.03 -28.04 -13.20
CA ASP D 27 -1.20 -27.47 -13.72
C ASP D 27 -1.06 -26.93 -15.15
N GLY D 28 0.14 -26.83 -15.70
CA GLY D 28 0.31 -26.11 -16.95
C GLY D 28 -0.09 -24.65 -16.86
N LYS D 29 0.01 -24.06 -15.67
CA LYS D 29 -0.27 -22.65 -15.49
C LYS D 29 0.95 -21.81 -15.87
N TYR D 30 0.71 -20.52 -16.08
CA TYR D 30 1.76 -19.55 -16.29
C TYR D 30 1.83 -18.61 -15.10
N ASP D 31 3.04 -18.32 -14.63
CA ASP D 31 3.23 -17.32 -13.59
C ASP D 31 3.34 -15.93 -14.22
N LEU D 32 2.65 -14.98 -13.58
CA LEU D 32 2.64 -13.58 -13.95
C LEU D 32 3.20 -12.75 -12.81
N ILE D 33 4.12 -11.86 -13.14
CA ILE D 33 4.63 -10.89 -12.20
C ILE D 33 4.67 -9.54 -12.91
N ALA D 34 4.24 -8.50 -12.22
CA ALA D 34 4.31 -7.15 -12.77
C ALA D 34 4.68 -6.20 -11.67
N THR D 35 5.36 -5.12 -12.03
CA THR D 35 5.64 -4.07 -11.06
C THR D 35 4.90 -2.81 -11.48
N VAL D 36 3.95 -2.38 -10.65
CA VAL D 36 3.06 -1.27 -10.95
C VAL D 36 3.16 -0.27 -9.80
N ASP D 37 3.48 0.99 -10.12
CA ASP D 37 3.73 2.01 -9.09
C ASP D 37 4.66 1.47 -8.01
N ALA D 38 5.68 0.75 -8.47
CA ALA D 38 6.76 0.20 -7.65
C ALA D 38 6.24 -0.80 -6.61
N LEU D 39 5.08 -1.41 -6.88
CA LEU D 39 4.56 -2.51 -6.08
C LEU D 39 4.55 -3.76 -6.93
N GLU D 40 5.10 -4.85 -6.38
CA GLU D 40 5.10 -6.10 -7.10
C GLU D 40 3.73 -6.79 -6.99
N LEU D 41 3.23 -7.24 -8.13
CA LEU D 41 1.96 -7.94 -8.22
C LEU D 41 2.24 -9.31 -8.78
N SER D 42 1.47 -10.29 -8.33
CA SER D 42 1.72 -11.70 -8.63
C SER D 42 0.42 -12.39 -8.98
N GLY D 43 0.50 -13.35 -9.88
CA GLY D 43 -0.66 -14.20 -10.12
C GLY D 43 -0.31 -15.34 -11.06
N THR D 44 -1.34 -16.07 -11.47
CA THR D 44 -1.19 -17.23 -12.34
C THR D 44 -2.32 -17.23 -13.35
N SER D 45 -2.05 -17.82 -14.52
CA SER D 45 -3.00 -17.79 -15.62
C SER D 45 -3.02 -19.12 -16.34
N ASP D 46 -4.17 -19.45 -16.92
CA ASP D 46 -4.24 -20.57 -17.83
C ASP D 46 -3.79 -20.22 -19.25
N LYS D 47 -3.59 -18.94 -19.57
CA LYS D 47 -3.21 -18.51 -20.92
C LYS D 47 -1.72 -18.17 -20.96
N ASN D 48 -1.14 -18.21 -22.17
CA ASN D 48 0.26 -17.86 -22.39
C ASN D 48 0.44 -16.46 -23.00
N ASN D 49 -0.45 -15.50 -22.71
CA ASN D 49 -0.35 -14.22 -23.40
C ASN D 49 -0.32 -13.03 -22.44
N GLY D 50 -0.18 -13.28 -21.14
CA GLY D 50 -0.11 -12.23 -20.17
C GLY D 50 -1.44 -11.83 -19.55
N SER D 51 -2.56 -12.32 -20.11
CA SER D 51 -3.87 -12.03 -19.52
C SER D 51 -4.04 -12.79 -18.21
N GLY D 52 -4.99 -12.34 -17.40
CA GLY D 52 -5.19 -12.97 -16.10
C GLY D 52 -5.28 -11.90 -15.01
N VAL D 53 -5.23 -12.35 -13.76
CA VAL D 53 -5.33 -11.47 -12.59
C VAL D 53 -4.00 -11.53 -11.83
N LEU D 54 -3.49 -10.38 -11.43
CA LEU D 54 -2.37 -10.29 -10.51
C LEU D 54 -2.82 -9.51 -9.28
N GLU D 55 -2.25 -9.86 -8.12
CA GLU D 55 -2.61 -9.15 -6.90
C GLU D 55 -1.37 -8.77 -6.13
N GLY D 56 -1.58 -7.84 -5.21
CA GLY D 56 -0.55 -7.32 -4.33
C GLY D 56 -1.22 -6.76 -3.10
N VAL D 57 -0.41 -6.59 -2.05
CA VAL D 57 -0.85 -6.05 -0.76
C VAL D 57 0.17 -4.99 -0.38
N LYS D 58 -0.29 -3.78 -0.09
CA LYS D 58 0.56 -2.74 0.46
C LYS D 58 0.80 -2.98 1.97
N ALA D 59 1.79 -2.30 2.51
CA ALA D 59 2.15 -2.50 3.90
C ALA D 59 1.09 -1.97 4.86
N ASP D 60 0.23 -1.07 4.40
CA ASP D 60 -0.91 -0.65 5.19
C ASP D 60 -2.11 -1.58 5.04
N ALA D 61 -1.92 -2.77 4.47
CA ALA D 61 -2.93 -3.80 4.21
C ALA D 61 -3.91 -3.47 3.07
N SER D 62 -3.78 -2.33 2.37
CA SER D 62 -4.55 -2.13 1.13
C SER D 62 -4.22 -3.21 0.12
N LYS D 63 -5.18 -3.51 -0.74
CA LYS D 63 -5.01 -4.56 -1.71
C LYS D 63 -5.05 -3.95 -3.10
N VAL D 64 -4.26 -4.51 -4.00
CA VAL D 64 -4.16 -4.07 -5.38
C VAL D 64 -4.49 -5.26 -6.28
N LYS D 65 -5.37 -5.03 -7.24
CA LYS D 65 -5.77 -6.05 -8.20
C LYS D 65 -5.58 -5.47 -9.60
N LEU D 66 -4.79 -6.16 -10.42
CA LEU D 66 -4.63 -5.88 -11.83
C LEU D 66 -5.29 -7.01 -12.61
N THR D 67 -6.31 -6.67 -13.37
CA THR D 67 -7.02 -7.61 -14.25
C THR D 67 -6.70 -7.25 -15.70
N ILE D 68 -6.11 -8.21 -16.43
CA ILE D 68 -5.82 -8.07 -17.84
C ILE D 68 -6.77 -8.98 -18.61
N SER D 69 -7.64 -8.40 -19.44
CA SER D 69 -8.61 -9.17 -20.19
C SER D 69 -7.93 -10.16 -21.14
N ASP D 70 -8.69 -11.18 -21.54
CA ASP D 70 -8.11 -12.34 -22.21
C ASP D 70 -7.52 -11.98 -23.58
N ASP D 71 -8.04 -10.93 -24.22
CA ASP D 71 -7.55 -10.51 -25.53
C ASP D 71 -6.57 -9.34 -25.45
N LEU D 72 -6.24 -8.87 -24.23
CA LEU D 72 -5.26 -7.82 -23.99
C LEU D 72 -5.76 -6.44 -24.41
N GLY D 73 -7.04 -6.30 -24.71
CA GLY D 73 -7.56 -5.00 -25.07
C GLY D 73 -7.79 -4.07 -23.90
N GLN D 74 -7.83 -4.61 -22.67
CA GLN D 74 -8.18 -3.82 -21.49
C GLN D 74 -7.38 -4.26 -20.26
N THR D 75 -6.96 -3.30 -19.44
CA THR D 75 -6.51 -3.56 -18.08
C THR D 75 -7.36 -2.77 -17.09
N THR D 76 -7.56 -3.36 -15.91
CA THR D 76 -8.24 -2.75 -14.78
C THR D 76 -7.31 -2.81 -13.56
N LEU D 77 -7.01 -1.68 -12.98
CA LEU D 77 -6.16 -1.59 -11.80
C LEU D 77 -7.01 -1.03 -10.66
N GLU D 78 -7.18 -1.81 -9.60
CA GLU D 78 -8.03 -1.46 -8.48
C GLU D 78 -7.21 -1.45 -7.21
N VAL D 79 -7.39 -0.38 -6.46
CA VAL D 79 -6.87 -0.30 -5.11
C VAL D 79 -8.08 -0.34 -4.18
N PHE D 80 -8.04 -1.26 -3.24
CA PHE D 80 -9.04 -1.54 -2.22
C PHE D 80 -8.48 -1.22 -0.85
N LYS D 81 -9.40 -0.99 0.09
CA LYS D 81 -9.13 -1.12 1.51
C LYS D 81 -8.79 -2.57 1.84
N SER D 82 -8.41 -2.85 3.09
CA SER D 82 -7.90 -4.18 3.44
C SER D 82 -8.86 -5.33 3.15
N ASP D 83 -10.18 -5.07 3.05
CA ASP D 83 -11.11 -6.17 2.78
C ASP D 83 -11.03 -6.72 1.35
N GLY D 84 -10.34 -6.03 0.42
CA GLY D 84 -10.26 -6.46 -0.96
C GLY D 84 -11.51 -6.21 -1.77
N SER D 85 -12.43 -5.37 -1.26
CA SER D 85 -13.73 -5.16 -1.89
C SER D 85 -14.17 -3.69 -1.90
N THR D 86 -13.93 -2.94 -0.81
CA THR D 86 -14.25 -1.51 -0.77
C THR D 86 -13.18 -0.72 -1.52
N LEU D 87 -13.59 0.01 -2.56
CA LEU D 87 -12.68 0.62 -3.52
C LEU D 87 -12.13 1.94 -3.02
N VAL D 88 -10.84 2.13 -3.25
CA VAL D 88 -10.17 3.42 -3.14
C VAL D 88 -10.03 4.07 -4.51
N SER D 89 -9.58 3.30 -5.50
CA SER D 89 -9.44 3.84 -6.84
C SER D 89 -9.57 2.72 -7.87
N LYS D 90 -9.83 3.12 -9.11
CA LYS D 90 -9.98 2.16 -10.20
C LYS D 90 -9.59 2.83 -11.51
N LYS D 91 -8.76 2.15 -12.29
CA LYS D 91 -8.18 2.66 -13.53
C LYS D 91 -8.38 1.60 -14.60
N VAL D 92 -9.24 1.89 -15.57
CA VAL D 92 -9.54 1.00 -16.68
C VAL D 92 -8.94 1.61 -17.94
N THR D 93 -7.99 0.93 -18.57
CA THR D 93 -7.38 1.42 -19.80
C THR D 93 -7.59 0.41 -20.92
N SER D 94 -8.00 0.91 -22.09
CA SER D 94 -8.20 0.08 -23.26
C SER D 94 -7.04 0.26 -24.24
N LYS D 95 -6.89 -0.72 -25.14
CA LYS D 95 -5.79 -0.69 -26.10
C LYS D 95 -5.82 0.58 -26.95
N ASP D 96 -7.02 1.05 -27.32
CA ASP D 96 -7.10 2.27 -28.13
C ASP D 96 -6.63 3.53 -27.37
N LYS D 97 -6.19 3.42 -26.12
CA LYS D 97 -5.77 4.47 -25.17
C LYS D 97 -6.95 5.16 -24.47
N SER D 98 -8.20 4.75 -24.73
CA SER D 98 -9.33 5.16 -23.87
C SER D 98 -9.08 4.71 -22.44
N SER D 99 -9.34 5.61 -21.49
CA SER D 99 -9.18 5.25 -20.11
C SER D 99 -10.27 5.89 -19.28
N THR D 100 -10.42 5.34 -18.08
CA THR D 100 -11.34 5.82 -17.06
C THR D 100 -10.60 5.70 -15.73
N TYR D 101 -10.49 6.81 -15.03
CA TYR D 101 -9.90 6.88 -13.72
C TYR D 101 -10.98 7.32 -12.73
N GLU D 102 -11.19 6.52 -11.69
CA GLU D 102 -12.18 6.77 -10.66
C GLU D 102 -11.48 6.83 -9.31
N LYS D 103 -11.79 7.86 -8.53
CA LYS D 103 -11.34 7.99 -7.15
C LYS D 103 -12.57 7.98 -6.23
N PHE D 104 -12.45 7.24 -5.13
CA PHE D 104 -13.58 7.04 -4.22
C PHE D 104 -13.27 7.62 -2.85
N ASN D 105 -14.31 8.10 -2.16
CA ASN D 105 -14.11 8.63 -0.82
C ASN D 105 -14.13 7.51 0.21
N GLU D 106 -14.15 7.88 1.49
CA GLU D 106 -13.96 6.88 2.54
C GLU D 106 -15.15 5.95 2.68
N LYS D 107 -16.35 6.42 2.31
CA LYS D 107 -17.54 5.56 2.28
C LYS D 107 -17.55 4.62 1.09
N GLY D 108 -16.45 4.48 0.35
CA GLY D 108 -16.46 3.73 -0.87
C GLY D 108 -17.21 4.37 -2.02
N GLU D 109 -17.50 5.67 -1.93
CA GLU D 109 -18.36 6.32 -2.90
C GLU D 109 -17.57 7.16 -3.91
N LEU D 110 -18.09 7.23 -5.13
CA LEU D 110 -17.40 7.88 -6.23
C LEU D 110 -17.23 9.37 -5.93
N SER D 111 -15.99 9.82 -5.88
CA SER D 111 -15.70 11.22 -5.65
C SER D 111 -15.22 11.97 -6.90
N GLU D 112 -14.48 11.30 -7.79
CA GLU D 112 -13.98 11.93 -9.00
C GLU D 112 -13.83 10.92 -10.12
N LYS D 113 -14.15 11.34 -11.34
CA LYS D 113 -14.01 10.47 -12.49
C LYS D 113 -13.45 11.24 -13.69
N TYR D 114 -12.51 10.61 -14.39
CA TYR D 114 -11.90 11.13 -15.61
C TYR D 114 -12.04 10.08 -16.71
N ILE D 115 -12.60 10.49 -17.83
CA ILE D 115 -12.73 9.64 -19.01
C ILE D 115 -11.96 10.32 -20.12
N THR D 116 -11.15 9.54 -20.83
CA THR D 116 -10.55 9.93 -22.09
C THR D 116 -10.91 8.88 -23.12
N ARG D 117 -11.43 9.30 -24.27
CA ARG D 117 -11.98 8.36 -25.25
C ARG D 117 -11.07 8.18 -26.45
N ALA D 118 -11.43 7.21 -27.28
CA ALA D 118 -10.73 6.99 -28.54
C ALA D 118 -10.83 8.21 -29.45
N ASP D 119 -12.01 8.85 -29.52
CA ASP D 119 -12.14 10.06 -30.33
C ASP D 119 -11.57 11.30 -29.64
N LYS D 120 -10.71 11.12 -28.63
CA LYS D 120 -9.95 12.17 -27.96
C LYS D 120 -10.84 13.13 -27.17
N SER D 121 -12.15 12.88 -27.18
CA SER D 121 -13.02 13.55 -26.23
C SER D 121 -12.71 13.07 -24.81
N SER D 122 -13.35 13.71 -23.85
CA SER D 122 -12.98 13.49 -22.45
C SER D 122 -14.02 14.14 -21.57
N THR D 123 -14.26 13.52 -20.42
CA THR D 123 -15.15 14.13 -19.43
C THR D 123 -14.53 14.00 -18.05
N TYR D 124 -14.68 15.05 -17.25
CA TYR D 124 -14.23 15.10 -15.88
C TYR D 124 -15.44 15.38 -14.99
N GLU D 125 -15.58 14.63 -13.91
CA GLU D 125 -16.71 14.80 -12.99
C GLU D 125 -16.20 14.83 -11.56
N LYS D 126 -16.67 15.81 -10.79
CA LYS D 126 -16.40 15.89 -9.37
C LYS D 126 -17.72 15.92 -8.60
N PHE D 127 -17.81 15.04 -7.61
CA PHE D 127 -18.99 14.89 -6.78
C PHE D 127 -18.72 15.36 -5.36
N ASN D 128 -19.79 15.74 -4.67
CA ASN D 128 -19.69 16.11 -3.27
C ASN D 128 -19.95 14.90 -2.39
N GLU D 129 -19.93 15.14 -1.07
CA GLU D 129 -20.02 14.09 -0.09
C GLU D 129 -21.30 13.28 -0.26
N LYS D 130 -22.40 13.95 -0.63
CA LYS D 130 -23.70 13.30 -0.73
C LYS D 130 -23.92 12.57 -2.05
N GLY D 131 -22.94 12.54 -2.97
CA GLY D 131 -23.15 11.91 -4.26
C GLY D 131 -23.70 12.85 -5.32
N GLU D 132 -23.80 14.13 -5.02
CA GLU D 132 -24.31 15.09 -5.98
C GLU D 132 -23.15 15.69 -6.77
N LEU D 133 -23.48 16.18 -7.96
CA LEU D 133 -22.47 16.84 -8.77
C LEU D 133 -21.99 18.12 -8.08
N SER D 134 -20.68 18.33 -8.14
CA SER D 134 -20.07 19.62 -7.85
C SER D 134 -19.61 20.31 -9.12
N GLU D 135 -18.86 19.60 -9.99
CA GLU D 135 -18.61 20.16 -11.31
C GLU D 135 -18.43 19.07 -12.37
N LYS D 136 -18.56 19.46 -13.64
CA LYS D 136 -18.43 18.54 -14.75
C LYS D 136 -17.95 19.27 -15.99
N TYR D 137 -16.94 18.70 -16.64
CA TYR D 137 -16.26 19.36 -17.75
C TYR D 137 -16.10 18.34 -18.88
N ILE D 138 -16.60 18.68 -20.06
CA ILE D 138 -16.50 17.85 -21.24
C ILE D 138 -15.67 18.58 -22.28
N THR D 139 -14.72 17.88 -22.89
CA THR D 139 -14.06 18.30 -24.12
C THR D 139 -14.40 17.30 -25.21
N ARG D 140 -14.62 17.78 -26.43
CA ARG D 140 -14.98 16.91 -27.54
C ARG D 140 -13.86 16.85 -28.56
N ALA D 141 -14.06 16.00 -29.57
CA ALA D 141 -13.04 15.78 -30.58
C ALA D 141 -12.67 17.08 -31.27
N ASP D 142 -13.69 17.85 -31.71
CA ASP D 142 -13.57 19.12 -32.42
C ASP D 142 -13.07 20.26 -31.55
N LYS D 143 -12.57 19.99 -30.33
CA LYS D 143 -12.07 20.98 -29.39
C LYS D 143 -13.17 21.86 -28.78
N SER D 144 -14.43 21.53 -29.00
CA SER D 144 -15.47 22.21 -28.23
C SER D 144 -15.46 21.73 -26.78
N SER D 145 -16.23 22.39 -25.93
CA SER D 145 -16.24 22.01 -24.52
C SER D 145 -17.47 22.57 -23.81
N THR D 146 -17.81 21.92 -22.70
CA THR D 146 -18.94 22.27 -21.86
C THR D 146 -18.47 22.17 -20.44
N TYR D 147 -18.76 23.18 -19.65
CA TYR D 147 -18.26 23.25 -18.29
C TYR D 147 -19.41 23.68 -17.39
N GLU D 148 -19.80 22.82 -16.47
CA GLU D 148 -20.90 23.06 -15.57
C GLU D 148 -20.41 23.08 -14.13
N LYS D 149 -20.90 24.05 -13.38
CA LYS D 149 -20.67 24.15 -11.96
C LYS D 149 -22.01 24.13 -11.24
N PHE D 150 -22.04 23.41 -10.11
CA PHE D 150 -23.27 23.16 -9.36
C PHE D 150 -23.11 23.72 -7.96
N ASN D 151 -24.24 23.98 -7.30
CA ASN D 151 -24.19 24.46 -5.92
C ASN D 151 -24.02 23.28 -4.99
N GLU D 152 -24.11 23.54 -3.68
CA GLU D 152 -23.82 22.52 -2.67
C GLU D 152 -24.83 21.39 -2.69
N LYS D 153 -26.04 21.66 -3.16
CA LYS D 153 -27.05 20.62 -3.33
C LYS D 153 -26.92 19.87 -4.64
N GLY D 154 -25.98 20.25 -5.51
CA GLY D 154 -25.87 19.59 -6.80
C GLY D 154 -26.82 20.14 -7.85
N GLU D 155 -27.27 21.37 -7.68
CA GLU D 155 -28.13 22.05 -8.63
C GLU D 155 -27.25 22.89 -9.54
N LEU D 156 -27.53 22.84 -10.84
CA LEU D 156 -26.72 23.60 -11.79
C LEU D 156 -26.73 25.08 -11.43
N SER D 157 -25.56 25.67 -11.42
CA SER D 157 -25.45 27.09 -11.13
C SER D 157 -24.85 27.87 -12.27
N GLU D 158 -23.91 27.29 -13.03
CA GLU D 158 -23.35 27.95 -14.21
C GLU D 158 -22.98 26.93 -15.27
N LYS D 159 -22.95 27.40 -16.51
CA LYS D 159 -22.61 26.54 -17.65
C LYS D 159 -21.92 27.37 -18.72
N TYR D 160 -20.71 26.97 -19.08
CA TYR D 160 -19.89 27.67 -20.06
C TYR D 160 -19.55 26.71 -21.20
N ILE D 161 -20.04 27.02 -22.39
CA ILE D 161 -19.87 26.19 -23.58
C ILE D 161 -19.01 26.95 -24.57
N THR D 162 -17.93 26.33 -25.02
CA THR D 162 -17.15 26.81 -26.15
C THR D 162 -17.36 25.90 -27.34
N ARG D 163 -17.34 26.49 -28.53
CA ARG D 163 -17.60 25.82 -29.79
C ARG D 163 -16.33 25.76 -30.62
N ALA D 164 -16.34 24.89 -31.63
CA ALA D 164 -15.15 24.67 -32.44
C ALA D 164 -14.72 25.93 -33.18
N ASP D 165 -15.68 26.79 -33.55
CA ASP D 165 -15.40 28.04 -34.25
C ASP D 165 -15.03 29.19 -33.31
N LYS D 166 -14.76 28.91 -32.04
CA LYS D 166 -14.26 29.81 -30.97
C LYS D 166 -15.37 30.59 -30.27
N SER D 167 -16.64 30.43 -30.66
CA SER D 167 -17.70 31.13 -29.95
C SER D 167 -17.96 30.46 -28.60
N SER D 168 -18.73 31.14 -27.76
CA SER D 168 -19.00 30.60 -26.43
C SER D 168 -20.26 31.22 -25.88
N THR D 169 -20.85 30.50 -24.93
CA THR D 169 -22.02 30.92 -24.18
C THR D 169 -21.78 30.69 -22.69
N TYR D 170 -22.12 31.69 -21.88
CA TYR D 170 -22.08 31.59 -20.43
C TYR D 170 -23.49 31.80 -19.89
N GLU D 171 -23.91 30.89 -19.01
CA GLU D 171 -25.25 30.93 -18.45
C GLU D 171 -25.18 30.75 -16.94
N LYS D 172 -25.80 31.67 -16.21
CA LYS D 172 -26.04 31.50 -14.79
C LYS D 172 -27.48 31.07 -14.60
N PHE D 173 -27.70 30.16 -13.65
CA PHE D 173 -29.01 29.54 -13.44
C PHE D 173 -29.52 29.83 -12.03
N ASN D 174 -30.84 29.88 -11.88
CA ASN D 174 -31.47 30.00 -10.57
C ASN D 174 -31.91 28.61 -10.11
N GLU D 175 -32.52 28.58 -8.92
CA GLU D 175 -32.79 27.31 -8.24
C GLU D 175 -33.80 26.44 -8.99
N LYS D 176 -34.61 27.03 -9.88
CA LYS D 176 -35.60 26.29 -10.67
C LYS D 176 -35.04 25.85 -12.03
N GLY D 177 -33.78 26.16 -12.34
CA GLY D 177 -33.23 25.85 -13.65
C GLY D 177 -33.49 26.90 -14.71
N GLU D 178 -33.96 28.08 -14.33
CA GLU D 178 -34.12 29.19 -15.26
C GLU D 178 -32.82 29.97 -15.39
N VAL D 179 -32.53 30.45 -16.61
CA VAL D 179 -31.33 31.21 -16.89
C VAL D 179 -31.53 32.62 -16.35
N SER D 180 -30.79 32.97 -15.31
CA SER D 180 -30.91 34.30 -14.74
C SER D 180 -29.94 35.31 -15.35
N GLU D 181 -29.09 34.88 -16.27
CA GLU D 181 -28.09 35.76 -16.87
C GLU D 181 -27.29 34.99 -17.92
N LYS D 182 -26.96 35.65 -19.02
CA LYS D 182 -26.40 34.97 -20.18
C LYS D 182 -25.52 35.94 -20.94
N TYR D 183 -24.25 35.56 -21.17
CA TYR D 183 -23.36 36.28 -22.08
C TYR D 183 -22.99 35.41 -23.25
N ILE D 184 -22.89 36.03 -24.42
CA ILE D 184 -22.54 35.35 -25.66
C ILE D 184 -21.27 35.99 -26.19
N THR D 185 -20.33 35.17 -26.63
CA THR D 185 -19.17 35.65 -27.34
C THR D 185 -19.18 35.01 -28.71
N ARG D 186 -19.09 35.84 -29.76
CA ARG D 186 -19.10 35.41 -31.14
C ARG D 186 -17.70 35.04 -31.61
N ALA D 187 -17.62 34.44 -32.80
CA ALA D 187 -16.33 33.98 -33.32
C ALA D 187 -15.31 35.11 -33.39
N ASP D 188 -15.76 36.32 -33.72
CA ASP D 188 -14.87 37.48 -33.89
C ASP D 188 -14.37 38.06 -32.57
N GLY D 189 -14.95 37.69 -31.43
CA GLY D 189 -14.61 38.29 -30.15
C GLY D 189 -15.60 39.31 -29.63
N THR D 190 -16.81 39.37 -30.19
CA THR D 190 -17.79 40.35 -29.76
C THR D 190 -18.61 39.77 -28.61
N ARG D 191 -18.56 40.45 -27.46
CA ARG D 191 -19.28 40.04 -26.26
C ARG D 191 -20.63 40.75 -26.21
N LEU D 192 -21.67 40.03 -25.78
CA LEU D 192 -22.96 40.67 -25.56
C LEU D 192 -23.67 40.07 -24.35
N GLU D 193 -24.39 40.93 -23.64
CA GLU D 193 -24.93 40.68 -22.30
C GLU D 193 -26.43 40.44 -22.32
N TYR D 194 -26.92 39.74 -21.30
CA TYR D 194 -28.37 39.55 -21.08
C TYR D 194 -28.70 39.30 -19.60
#